data_6T5F
#
_entry.id   6T5F
#
_cell.length_a   77.160
_cell.length_b   74.950
_cell.length_c   104.380
_cell.angle_alpha   90.000
_cell.angle_beta   97.980
_cell.angle_gamma   90.000
#
_symmetry.space_group_name_H-M   'P 1 21 1'
#
loop_
_entity.id
_entity.type
_entity.pdbx_description
1 polymer '14-3-3 protein sigma'
2 polymer 'StARD1 peptide'
3 water water
#
loop_
_entity_poly.entity_id
_entity_poly.type
_entity_poly.pdbx_seq_one_letter_code
_entity_poly.pdbx_strand_id
1 'polypeptide(L)'
;GPHMERASLIQKAKLAEQAERYEDMAAFMKGAVEKGEELSCEERNLLSVAYKNVVGGQRAAWRVLSSIEQKSNEEGSAAA
GPEVREYREKVETELQGVCDTVLGLLDSHLIKEAGDAESRVFYLKMKGDYYRYLAEVATGDDKKRIIDSARSAYQEAMDI
SKKEMPPTNPIRLGLALNFSVFHYEIANSPEEAISLAKTTFDEAMADLHTLSEDSYKDSTLIMQLLRDNLTLWTGSGSL
;
A,B,C,D
2 'polypeptide(L)' GSGSLRRG(SEP)TCVLA E,F,G,H
#
# COMPACT_ATOMS: atom_id res chain seq x y z
N PRO A 2 4.09 -10.57 -16.42
CA PRO A 2 4.76 -9.41 -17.01
C PRO A 2 4.81 -9.48 -18.54
N HIS A 3 3.79 -10.08 -19.16
CA HIS A 3 3.78 -10.29 -20.62
C HIS A 3 3.14 -9.09 -21.34
N MET A 4 3.95 -8.10 -21.69
CA MET A 4 3.41 -6.81 -22.16
C MET A 4 3.86 -6.59 -23.61
N GLU A 5 3.90 -7.66 -24.39
CA GLU A 5 4.01 -7.53 -25.87
C GLU A 5 2.61 -7.46 -26.47
N ARG A 6 2.52 -7.06 -27.74
CA ARG A 6 1.28 -6.73 -28.43
C ARG A 6 0.24 -7.86 -28.42
N ALA A 7 0.65 -9.05 -28.85
CA ALA A 7 -0.19 -10.25 -28.94
C ALA A 7 -0.78 -10.64 -27.57
N SER A 8 0.04 -10.51 -26.52
CA SER A 8 -0.35 -10.74 -25.11
C SER A 8 -1.37 -9.71 -24.64
N LEU A 9 -1.23 -8.41 -25.07
CA LEU A 9 -2.15 -7.32 -24.72
C LEU A 9 -3.52 -7.52 -25.36
N ILE A 10 -3.53 -7.97 -26.64
CA ILE A 10 -4.74 -8.29 -27.39
C ILE A 10 -5.42 -9.50 -26.74
N GLN A 11 -4.63 -10.48 -26.34
CA GLN A 11 -5.11 -11.67 -25.65
C GLN A 11 -5.81 -11.35 -24.32
N LYS A 12 -5.19 -10.44 -23.53
CA LYS A 12 -5.68 -10.03 -22.22
C LYS A 12 -6.93 -9.15 -22.33
N ALA A 13 -7.05 -8.38 -23.40
CA ALA A 13 -8.22 -7.55 -23.74
C ALA A 13 -9.44 -8.47 -24.04
N LYS A 14 -9.23 -9.59 -24.70
CA LYS A 14 -10.27 -10.59 -25.03
C LYS A 14 -10.70 -11.28 -23.76
N LEU A 15 -9.74 -11.58 -22.85
CA LEU A 15 -9.99 -12.18 -21.55
C LEU A 15 -10.78 -11.24 -20.66
N ALA A 16 -10.39 -9.93 -20.65
CA ALA A 16 -11.05 -8.88 -19.85
C ALA A 16 -12.50 -8.67 -20.33
N GLU A 17 -12.73 -8.86 -21.65
CA GLU A 17 -14.07 -8.76 -22.21
C GLU A 17 -14.97 -9.90 -21.70
N GLN A 18 -14.45 -11.13 -21.72
CA GLN A 18 -15.18 -12.31 -21.28
C GLN A 18 -15.51 -12.20 -19.80
N ALA A 19 -14.60 -11.55 -19.04
CA ALA A 19 -14.72 -11.35 -17.59
C ALA A 19 -15.48 -10.07 -17.23
N GLU A 20 -15.99 -9.33 -18.26
CA GLU A 20 -16.78 -8.10 -18.13
C GLU A 20 -16.06 -6.99 -17.31
N ARG A 21 -14.72 -6.95 -17.48
CA ARG A 21 -13.76 -6.04 -16.86
C ARG A 21 -13.31 -5.08 -17.93
N TYR A 22 -14.13 -4.06 -18.18
CA TYR A 22 -13.98 -3.25 -19.41
C TYR A 22 -12.95 -2.16 -19.18
N GLU A 23 -12.80 -1.72 -17.94
CA GLU A 23 -11.74 -0.74 -17.64
C GLU A 23 -10.37 -1.39 -17.87
N ASP A 24 -10.22 -2.65 -17.50
CA ASP A 24 -8.98 -3.43 -17.77
C ASP A 24 -8.80 -3.60 -19.27
N MET A 25 -9.89 -3.95 -19.96
CA MET A 25 -9.91 -4.20 -21.42
C MET A 25 -9.47 -2.92 -22.15
N ALA A 26 -9.93 -1.77 -21.68
CA ALA A 26 -9.58 -0.45 -22.25
C ALA A 26 -8.08 -0.22 -22.12
N ALA A 27 -7.49 -0.59 -20.97
CA ALA A 27 -6.08 -0.23 -20.73
C ALA A 27 -5.17 -1.17 -21.52
N PHE A 28 -5.58 -2.43 -21.69
CA PHE A 28 -4.86 -3.39 -22.56
C PHE A 28 -4.94 -2.94 -23.99
N MET A 29 -6.10 -2.44 -24.46
CA MET A 29 -6.28 -1.95 -25.83
C MET A 29 -5.50 -0.65 -26.08
N LYS A 30 -5.44 0.26 -25.08
CA LYS A 30 -4.66 1.50 -25.12
C LYS A 30 -3.17 1.16 -25.30
N GLY A 31 -2.70 0.20 -24.53
CA GLY A 31 -1.31 -0.26 -24.61
C GLY A 31 -0.97 -0.91 -25.94
N ALA A 32 -1.96 -1.63 -26.52
CA ALA A 32 -1.82 -2.30 -27.82
C ALA A 32 -1.72 -1.24 -28.92
N VAL A 33 -2.60 -0.21 -28.87
CA VAL A 33 -2.60 0.91 -29.81
C VAL A 33 -1.24 1.63 -29.74
N GLU A 34 -0.73 1.88 -28.51
CA GLU A 34 0.53 2.56 -28.25
C GLU A 34 1.77 1.85 -28.77
N LYS A 35 1.63 0.60 -29.28
CA LYS A 35 2.76 -0.14 -29.88
C LYS A 35 3.09 0.41 -31.28
N GLY A 36 2.14 1.10 -31.89
CA GLY A 36 2.34 1.77 -33.18
C GLY A 36 1.89 1.04 -34.43
N GLU A 37 1.32 -0.15 -34.27
CA GLU A 37 0.83 -0.92 -35.41
C GLU A 37 -0.67 -0.61 -35.62
N GLU A 38 -1.16 -0.91 -36.82
CA GLU A 38 -2.55 -0.75 -37.27
C GLU A 38 -3.43 -1.76 -36.56
N LEU A 39 -4.69 -1.40 -36.30
CA LEU A 39 -5.60 -2.37 -35.67
C LEU A 39 -6.36 -3.05 -36.81
N SER A 40 -6.67 -4.34 -36.64
CA SER A 40 -7.49 -5.10 -37.57
C SER A 40 -8.95 -4.75 -37.24
N CYS A 41 -9.90 -5.28 -38.04
CA CYS A 41 -11.31 -5.02 -37.80
C CYS A 41 -11.75 -5.57 -36.44
N GLU A 42 -11.24 -6.74 -36.07
CA GLU A 42 -11.50 -7.37 -34.77
C GLU A 42 -10.97 -6.49 -33.63
N GLU A 43 -9.71 -6.01 -33.76
CA GLU A 43 -9.01 -5.19 -32.79
C GLU A 43 -9.63 -3.82 -32.62
N ARG A 44 -10.18 -3.23 -33.69
CA ARG A 44 -10.86 -1.92 -33.63
C ARG A 44 -12.10 -2.03 -32.77
N ASN A 45 -12.85 -3.14 -32.94
CA ASN A 45 -14.06 -3.44 -32.20
C ASN A 45 -13.79 -3.64 -30.73
N LEU A 46 -12.67 -4.31 -30.36
CA LEU A 46 -12.28 -4.55 -28.96
C LEU A 46 -12.03 -3.17 -28.31
N LEU A 47 -11.35 -2.25 -29.01
CA LEU A 47 -11.08 -0.89 -28.54
C LEU A 47 -12.42 -0.12 -28.30
N SER A 48 -13.31 -0.11 -29.31
CA SER A 48 -14.60 0.53 -29.21
C SER A 48 -15.48 -0.05 -28.08
N VAL A 49 -15.65 -1.38 -28.01
CA VAL A 49 -16.42 -2.06 -26.95
C VAL A 49 -15.93 -1.65 -25.55
N ALA A 50 -14.60 -1.69 -25.33
CA ALA A 50 -13.96 -1.35 -24.05
C ALA A 50 -14.36 0.06 -23.56
N TYR A 51 -14.04 1.06 -24.41
CA TYR A 51 -14.29 2.45 -24.05
C TYR A 51 -15.76 2.82 -24.05
N LYS A 52 -16.58 2.17 -24.90
CA LYS A 52 -18.03 2.41 -24.93
C LYS A 52 -18.66 1.99 -23.59
N ASN A 53 -18.24 0.83 -23.05
CA ASN A 53 -18.72 0.35 -21.76
C ASN A 53 -18.30 1.24 -20.58
N VAL A 54 -17.03 1.68 -20.57
CA VAL A 54 -16.43 2.56 -19.57
C VAL A 54 -17.20 3.89 -19.53
N VAL A 55 -17.31 4.59 -20.67
CA VAL A 55 -18.01 5.90 -20.73
C VAL A 55 -19.53 5.72 -20.55
N GLY A 56 -20.06 4.57 -20.96
CA GLY A 56 -21.48 4.26 -20.85
C GLY A 56 -21.94 4.37 -19.41
N GLY A 57 -21.14 3.76 -18.52
CA GLY A 57 -21.38 3.79 -17.07
C GLY A 57 -21.24 5.18 -16.47
N GLN A 58 -20.22 5.94 -16.93
CA GLN A 58 -19.96 7.31 -16.47
C GLN A 58 -21.07 8.28 -16.88
N ARG A 59 -21.54 8.17 -18.15
CA ARG A 59 -22.62 8.99 -18.71
C ARG A 59 -23.94 8.71 -17.97
N ALA A 60 -24.24 7.41 -17.73
CA ALA A 60 -25.46 6.98 -17.02
C ALA A 60 -25.48 7.56 -15.62
N ALA A 61 -24.31 7.53 -14.93
CA ALA A 61 -24.13 8.06 -13.59
C ALA A 61 -24.32 9.57 -13.56
N TRP A 62 -23.66 10.28 -14.53
CA TRP A 62 -23.73 11.75 -14.69
C TRP A 62 -25.15 12.21 -14.91
N ARG A 63 -25.92 11.47 -15.74
CA ARG A 63 -27.32 11.76 -15.99
C ARG A 63 -28.17 11.66 -14.72
N VAL A 64 -27.95 10.63 -13.90
CA VAL A 64 -28.65 10.43 -12.62
C VAL A 64 -28.39 11.61 -11.66
N LEU A 65 -27.10 11.95 -11.45
CA LEU A 65 -26.65 13.03 -10.57
C LEU A 65 -27.12 14.40 -11.02
N SER A 66 -26.99 14.70 -12.35
CA SER A 66 -27.43 15.98 -12.92
C SER A 66 -28.96 16.12 -12.82
N SER A 67 -29.71 15.01 -12.99
CA SER A 67 -31.17 15.02 -12.82
C SER A 67 -31.56 15.37 -11.37
N ILE A 68 -30.84 14.82 -10.37
CA ILE A 68 -31.05 15.12 -8.93
C ILE A 68 -30.69 16.59 -8.64
N GLU A 69 -29.57 17.07 -9.23
CA GLU A 69 -29.09 18.45 -9.11
C GLU A 69 -30.10 19.45 -9.71
N GLN A 70 -30.71 19.11 -10.87
CA GLN A 70 -31.74 19.94 -11.52
C GLN A 70 -33.02 20.03 -10.69
N LYS A 71 -33.36 18.98 -9.91
CA LYS A 71 -34.53 18.94 -9.02
C LYS A 71 -34.28 19.85 -7.81
N SER A 72 -33.04 19.83 -7.29
CA SER A 72 -32.64 20.65 -6.15
C SER A 72 -32.50 22.16 -6.50
N ASN A 73 -32.50 22.55 -7.80
CA ASN A 73 -32.40 23.95 -8.23
C ASN A 73 -33.75 24.50 -8.74
N GLU A 74 -34.83 23.69 -8.61
CA GLU A 74 -36.21 24.03 -8.97
C GLU A 74 -36.74 25.12 -8.00
N GLU A 75 -37.63 25.98 -8.49
CA GLU A 75 -38.24 27.06 -7.71
C GLU A 75 -39.12 26.49 -6.59
N GLY A 76 -38.77 26.80 -5.36
CA GLY A 76 -39.54 26.35 -4.21
C GLY A 76 -39.17 25.00 -3.63
N SER A 77 -37.96 24.52 -3.90
CA SER A 77 -37.51 23.24 -3.31
C SER A 77 -36.62 23.55 -2.09
N ALA A 78 -36.14 22.52 -1.39
CA ALA A 78 -35.24 22.68 -0.22
C ALA A 78 -33.99 23.46 -0.66
N ALA A 79 -33.46 23.11 -1.84
CA ALA A 79 -32.34 23.79 -2.53
C ALA A 79 -31.15 24.00 -1.60
N ALA A 80 -30.65 22.91 -1.03
CA ALA A 80 -29.46 22.94 -0.15
C ALA A 80 -28.67 21.65 -0.38
N GLY A 81 -27.37 21.66 -0.08
CA GLY A 81 -26.57 20.43 -0.24
C GLY A 81 -25.55 20.56 -1.36
N PRO A 82 -24.29 20.90 -1.05
CA PRO A 82 -23.24 21.04 -2.07
C PRO A 82 -22.70 19.68 -2.49
N GLU A 83 -23.21 18.62 -1.90
CA GLU A 83 -22.77 17.25 -2.15
C GLU A 83 -23.09 16.75 -3.54
N VAL A 84 -24.31 17.02 -4.04
CA VAL A 84 -24.75 16.60 -5.38
C VAL A 84 -23.87 17.22 -6.44
N ARG A 85 -23.66 18.56 -6.34
CA ARG A 85 -22.82 19.30 -7.26
C ARG A 85 -21.38 18.79 -7.22
N GLU A 86 -20.80 18.66 -6.03
CA GLU A 86 -19.44 18.17 -5.84
C GLU A 86 -19.25 16.80 -6.49
N TYR A 87 -20.18 15.86 -6.19
CA TYR A 87 -20.07 14.49 -6.71
C TYR A 87 -20.37 14.42 -8.22
N ARG A 88 -21.32 15.25 -8.72
CA ARG A 88 -21.59 15.34 -10.16
C ARG A 88 -20.31 15.82 -10.88
N GLU A 89 -19.57 16.79 -10.29
CA GLU A 89 -18.30 17.33 -10.77
C GLU A 89 -17.20 16.27 -10.79
N LYS A 90 -17.16 15.37 -9.77
CA LYS A 90 -16.18 14.27 -9.64
C LYS A 90 -16.34 13.28 -10.84
N VAL A 91 -17.57 12.80 -11.06
CA VAL A 91 -17.96 11.89 -12.15
C VAL A 91 -17.67 12.53 -13.50
N GLU A 92 -18.05 13.82 -13.66
CA GLU A 92 -17.86 14.62 -14.87
C GLU A 92 -16.40 14.74 -15.26
N THR A 93 -15.53 15.05 -14.31
CA THR A 93 -14.08 15.16 -14.51
C THR A 93 -13.49 13.84 -14.98
N GLU A 94 -13.97 12.76 -14.38
CA GLU A 94 -13.54 11.39 -14.66
C GLU A 94 -13.95 11.00 -16.08
N LEU A 95 -15.22 11.31 -16.43
CA LEU A 95 -15.78 11.11 -17.76
C LEU A 95 -14.94 11.84 -18.83
N GLN A 96 -14.60 13.11 -18.57
CA GLN A 96 -13.78 13.96 -19.44
C GLN A 96 -12.38 13.38 -19.67
N GLY A 97 -11.80 12.79 -18.62
CA GLY A 97 -10.49 12.13 -18.69
C GLY A 97 -10.45 10.97 -19.65
N VAL A 98 -11.54 10.16 -19.70
CA VAL A 98 -11.68 9.00 -20.58
C VAL A 98 -11.82 9.46 -22.03
N CYS A 99 -12.65 10.49 -22.28
CA CYS A 99 -12.86 11.06 -23.62
C CYS A 99 -11.57 11.62 -24.16
N ASP A 100 -10.82 12.36 -23.31
CA ASP A 100 -9.53 12.95 -23.69
C ASP A 100 -8.48 11.87 -24.03
N THR A 101 -8.55 10.70 -23.35
CA THR A 101 -7.66 9.56 -23.56
C THR A 101 -7.94 8.94 -24.93
N VAL A 102 -9.25 8.70 -25.22
CA VAL A 102 -9.69 8.12 -26.50
C VAL A 102 -9.31 9.05 -27.64
N LEU A 103 -9.62 10.34 -27.50
CA LEU A 103 -9.36 11.36 -28.54
C LEU A 103 -7.87 11.50 -28.80
N GLY A 104 -7.06 11.37 -27.76
CA GLY A 104 -5.60 11.40 -27.85
C GLY A 104 -5.04 10.24 -28.63
N LEU A 105 -5.58 9.02 -28.41
CA LEU A 105 -5.19 7.80 -29.15
C LEU A 105 -5.54 7.92 -30.61
N LEU A 106 -6.73 8.47 -30.90
CA LEU A 106 -7.20 8.65 -32.26
C LEU A 106 -6.31 9.63 -33.02
N ASP A 107 -5.97 10.78 -32.41
CA ASP A 107 -5.14 11.79 -33.07
C ASP A 107 -3.67 11.41 -33.18
N SER A 108 -3.12 10.75 -32.16
CA SER A 108 -1.71 10.38 -32.14
C SER A 108 -1.35 9.07 -32.86
N HIS A 109 -2.30 8.14 -32.98
CA HIS A 109 -2.00 6.81 -33.54
C HIS A 109 -2.96 6.24 -34.56
N LEU A 110 -4.27 6.49 -34.42
CA LEU A 110 -5.25 5.78 -35.22
C LEU A 110 -5.68 6.48 -36.49
N ILE A 111 -6.14 7.73 -36.39
CA ILE A 111 -6.55 8.48 -37.57
C ILE A 111 -5.28 8.85 -38.35
N LYS A 112 -5.14 8.30 -39.54
CA LYS A 112 -4.05 8.62 -40.45
C LYS A 112 -4.69 8.92 -41.78
N GLU A 113 -4.00 9.73 -42.61
CA GLU A 113 -4.44 10.06 -43.98
C GLU A 113 -4.20 8.78 -44.79
N ALA A 114 -3.17 8.04 -44.34
CA ALA A 114 -2.66 6.79 -44.87
C ALA A 114 -3.69 5.65 -44.98
N GLY A 115 -4.65 5.56 -44.06
CA GLY A 115 -5.59 4.45 -43.95
C GLY A 115 -6.62 4.17 -45.03
N ASP A 116 -7.15 2.92 -44.97
CA ASP A 116 -8.26 2.27 -45.69
C ASP A 116 -9.64 3.03 -45.37
N ALA A 117 -10.65 2.98 -46.29
CA ALA A 117 -11.95 3.72 -46.14
C ALA A 117 -12.75 3.35 -44.91
N GLU A 118 -13.02 2.05 -44.72
CA GLU A 118 -13.79 1.52 -43.61
C GLU A 118 -13.15 1.87 -42.26
N SER A 119 -11.82 1.73 -42.17
CA SER A 119 -11.08 2.03 -40.95
C SER A 119 -11.04 3.54 -40.67
N ARG A 120 -10.88 4.37 -41.70
CA ARG A 120 -10.85 5.84 -41.53
C ARG A 120 -12.22 6.31 -41.01
N VAL A 121 -13.31 5.81 -41.62
CA VAL A 121 -14.68 6.17 -41.24
C VAL A 121 -14.92 5.79 -39.78
N PHE A 122 -14.52 4.55 -39.41
CA PHE A 122 -14.63 3.98 -38.05
C PHE A 122 -14.01 4.91 -36.99
N TYR A 123 -12.77 5.34 -37.22
CA TYR A 123 -12.02 6.22 -36.33
C TYR A 123 -12.56 7.63 -36.26
N LEU A 124 -12.91 8.22 -37.44
CA LEU A 124 -13.50 9.54 -37.49
C LEU A 124 -14.91 9.58 -36.81
N LYS A 125 -15.70 8.50 -36.94
CA LYS A 125 -16.99 8.36 -36.28
C LYS A 125 -16.73 8.37 -34.76
N MET A 126 -15.70 7.62 -34.36
CA MET A 126 -15.24 7.51 -32.98
C MET A 126 -14.84 8.91 -32.47
N LYS A 127 -14.11 9.70 -33.24
CA LYS A 127 -13.74 11.06 -32.88
C LYS A 127 -15.00 11.97 -32.68
N GLY A 128 -16.02 11.81 -33.52
CA GLY A 128 -17.27 12.55 -33.38
C GLY A 128 -18.02 12.12 -32.14
N ASP A 129 -18.12 10.81 -31.89
CA ASP A 129 -18.79 10.27 -30.70
C ASP A 129 -18.21 10.80 -29.40
N TYR A 130 -16.90 10.78 -29.25
CA TYR A 130 -16.25 11.18 -28.00
C TYR A 130 -16.26 12.69 -27.79
N TYR A 131 -16.35 13.48 -28.86
CA TYR A 131 -16.53 14.92 -28.73
C TYR A 131 -18.01 15.21 -28.37
N ARG A 132 -18.94 14.38 -28.90
CA ARG A 132 -20.37 14.44 -28.56
C ARG A 132 -20.56 14.15 -27.07
N TYR A 133 -19.78 13.19 -26.51
CA TYR A 133 -19.88 12.87 -25.09
C TYR A 133 -19.36 14.03 -24.22
N LEU A 134 -18.32 14.72 -24.69
CA LEU A 134 -17.79 15.92 -24.01
C LEU A 134 -18.82 17.06 -24.04
N ALA A 135 -19.53 17.20 -25.19
CA ALA A 135 -20.57 18.21 -25.44
C ALA A 135 -21.80 17.98 -24.55
N GLU A 136 -22.11 16.73 -24.19
CA GLU A 136 -23.23 16.37 -23.31
C GLU A 136 -23.11 17.02 -21.91
N VAL A 137 -21.86 17.19 -21.43
CA VAL A 137 -21.53 17.76 -20.12
C VAL A 137 -20.96 19.20 -20.18
N ALA A 138 -20.59 19.69 -21.38
CA ALA A 138 -20.04 21.05 -21.57
C ALA A 138 -21.10 22.13 -21.41
N THR A 139 -20.81 23.16 -20.58
CA THR A 139 -21.73 24.29 -20.33
C THR A 139 -21.04 25.66 -20.51
N GLY A 140 -19.72 25.67 -20.38
CA GLY A 140 -18.87 26.86 -20.46
C GLY A 140 -18.78 27.54 -21.81
N ASP A 141 -17.69 28.29 -21.99
CA ASP A 141 -17.45 29.03 -23.21
C ASP A 141 -17.00 28.02 -24.27
N ASP A 142 -16.39 26.89 -23.81
CA ASP A 142 -15.81 25.77 -24.58
C ASP A 142 -16.80 24.87 -25.33
N LYS A 143 -18.10 24.94 -25.01
CA LYS A 143 -19.17 24.16 -25.63
C LYS A 143 -19.19 24.26 -27.16
N LYS A 144 -19.05 25.48 -27.72
CA LYS A 144 -19.06 25.66 -29.16
C LYS A 144 -17.86 24.96 -29.80
N ARG A 145 -16.64 25.11 -29.25
CA ARG A 145 -15.42 24.45 -29.78
C ARG A 145 -15.59 22.94 -29.87
N ILE A 146 -16.18 22.36 -28.79
CA ILE A 146 -16.43 20.93 -28.69
C ILE A 146 -17.47 20.49 -29.76
N ILE A 147 -18.62 21.19 -29.84
CA ILE A 147 -19.67 20.91 -30.82
C ILE A 147 -19.11 20.99 -32.24
N ASP A 148 -18.24 21.97 -32.52
CA ASP A 148 -17.62 22.13 -33.85
C ASP A 148 -16.69 20.98 -34.17
N SER A 149 -15.89 20.54 -33.17
CA SER A 149 -14.96 19.44 -33.30
C SER A 149 -15.70 18.12 -33.63
N ALA A 150 -16.86 17.88 -33.02
CA ALA A 150 -17.68 16.71 -33.31
C ALA A 150 -18.27 16.81 -34.76
N ARG A 151 -18.76 18.00 -35.15
CA ARG A 151 -19.31 18.17 -36.50
C ARG A 151 -18.25 17.90 -37.60
N SER A 152 -17.01 18.40 -37.43
CA SER A 152 -15.92 18.23 -38.40
C SER A 152 -15.60 16.77 -38.60
N ALA A 153 -15.51 16.02 -37.49
CA ALA A 153 -15.19 14.60 -37.49
C ALA A 153 -16.25 13.79 -38.23
N TYR A 154 -17.53 13.97 -37.84
CA TYR A 154 -18.68 13.33 -38.47
C TYR A 154 -18.83 13.74 -39.95
N GLN A 155 -18.62 15.02 -40.26
CA GLN A 155 -18.74 15.47 -41.65
C GLN A 155 -17.65 14.85 -42.52
N GLU A 156 -16.40 14.79 -42.02
CA GLU A 156 -15.27 14.20 -42.73
C GLU A 156 -15.52 12.70 -42.96
N ALA A 157 -16.07 12.00 -41.95
CA ALA A 157 -16.45 10.60 -42.01
C ALA A 157 -17.57 10.37 -43.02
N MET A 158 -18.59 11.28 -43.07
CA MET A 158 -19.72 11.27 -44.00
C MET A 158 -19.25 11.33 -45.42
N ASP A 159 -18.30 12.24 -45.71
CA ASP A 159 -17.75 12.42 -47.05
C ASP A 159 -17.07 11.15 -47.56
N ILE A 160 -16.29 10.46 -46.70
CA ILE A 160 -15.64 9.21 -47.06
C ILE A 160 -16.67 8.09 -47.27
N SER A 161 -17.66 7.98 -46.41
CA SER A 161 -18.65 6.92 -46.52
C SER A 161 -19.51 7.06 -47.78
N LYS A 162 -19.87 8.28 -48.13
CA LYS A 162 -20.68 8.60 -49.33
C LYS A 162 -19.93 8.36 -50.65
N LYS A 163 -18.58 8.52 -50.62
CA LYS A 163 -17.68 8.31 -51.74
C LYS A 163 -17.22 6.87 -51.92
N GLU A 164 -16.98 6.14 -50.83
CA GLU A 164 -16.42 4.79 -50.88
C GLU A 164 -17.33 3.65 -50.45
N MET A 165 -18.45 3.92 -49.76
CA MET A 165 -19.32 2.85 -49.25
C MET A 165 -20.73 2.85 -49.85
N PRO A 166 -21.38 1.67 -50.03
CA PRO A 166 -22.78 1.69 -50.51
C PRO A 166 -23.73 2.10 -49.37
N PRO A 167 -24.97 2.58 -49.67
CA PRO A 167 -25.87 3.03 -48.59
C PRO A 167 -26.31 1.99 -47.56
N THR A 168 -26.11 0.70 -47.86
CA THR A 168 -26.43 -0.43 -46.97
C THR A 168 -25.29 -0.82 -46.02
N ASN A 169 -24.07 -0.26 -46.21
CA ASN A 169 -22.92 -0.55 -45.37
C ASN A 169 -23.21 -0.23 -43.89
N PRO A 170 -22.99 -1.21 -42.98
CA PRO A 170 -23.29 -0.96 -41.56
C PRO A 170 -22.47 0.16 -40.89
N ILE A 171 -21.20 0.36 -41.31
CA ILE A 171 -20.35 1.42 -40.76
C ILE A 171 -20.93 2.78 -41.17
N ARG A 172 -21.34 2.90 -42.43
CA ARG A 172 -21.95 4.09 -43.00
C ARG A 172 -23.31 4.38 -42.30
N LEU A 173 -24.15 3.33 -42.13
CA LEU A 173 -25.45 3.42 -41.47
C LEU A 173 -25.32 3.88 -40.01
N GLY A 174 -24.35 3.31 -39.28
CA GLY A 174 -24.07 3.65 -37.90
C GLY A 174 -23.60 5.09 -37.71
N LEU A 175 -22.73 5.54 -38.63
CA LEU A 175 -22.21 6.90 -38.66
C LEU A 175 -23.35 7.88 -38.82
N ALA A 176 -24.20 7.67 -39.84
CA ALA A 176 -25.35 8.52 -40.13
C ALA A 176 -26.34 8.55 -38.96
N LEU A 177 -26.54 7.40 -38.26
CA LEU A 177 -27.41 7.34 -37.09
C LEU A 177 -26.86 8.27 -35.98
N ASN A 178 -25.57 8.15 -35.67
CA ASN A 178 -24.93 8.97 -34.63
C ASN A 178 -24.89 10.45 -34.95
N PHE A 179 -24.66 10.80 -36.22
CA PHE A 179 -24.62 12.19 -36.67
C PHE A 179 -26.01 12.80 -36.59
N SER A 180 -27.07 12.02 -36.87
CA SER A 180 -28.46 12.51 -36.74
C SER A 180 -28.80 12.72 -35.24
N VAL A 181 -28.26 11.86 -34.35
CA VAL A 181 -28.42 12.00 -32.88
C VAL A 181 -27.71 13.29 -32.44
N PHE A 182 -26.53 13.56 -33.01
CA PHE A 182 -25.76 14.78 -32.77
C PHE A 182 -26.60 15.98 -33.16
N HIS A 183 -27.21 15.97 -34.39
CA HIS A 183 -28.06 17.07 -34.86
C HIS A 183 -29.22 17.33 -33.91
N TYR A 184 -29.94 16.28 -33.49
CA TYR A 184 -31.10 16.39 -32.63
C TYR A 184 -30.80 16.87 -31.22
N GLU A 185 -29.91 16.13 -30.50
CA GLU A 185 -29.53 16.36 -29.12
C GLU A 185 -28.57 17.51 -28.85
N ILE A 186 -27.50 17.60 -29.65
CA ILE A 186 -26.40 18.53 -29.43
C ILE A 186 -26.55 19.83 -30.20
N ALA A 187 -26.66 19.74 -31.52
CA ALA A 187 -26.78 20.88 -32.44
C ALA A 187 -28.15 21.56 -32.41
N ASN A 188 -29.16 20.97 -31.72
CA ASN A 188 -30.53 21.47 -31.61
C ASN A 188 -31.15 21.75 -32.97
N SER A 189 -30.94 20.80 -33.92
CA SER A 189 -31.42 20.84 -35.30
C SER A 189 -32.30 19.61 -35.54
N PRO A 190 -33.53 19.59 -35.00
CA PRO A 190 -34.39 18.43 -35.19
C PRO A 190 -34.78 18.15 -36.64
N GLU A 191 -34.85 19.19 -37.49
CA GLU A 191 -35.19 19.07 -38.91
C GLU A 191 -34.09 18.35 -39.70
N GLU A 192 -32.81 18.72 -39.45
CA GLU A 192 -31.62 18.10 -40.06
C GLU A 192 -31.51 16.65 -39.65
N ALA A 193 -31.78 16.37 -38.37
CA ALA A 193 -31.76 15.04 -37.75
C ALA A 193 -32.79 14.12 -38.41
N ILE A 194 -34.08 14.55 -38.43
CA ILE A 194 -35.18 13.82 -39.04
C ILE A 194 -34.88 13.53 -40.51
N SER A 195 -34.40 14.56 -41.25
CA SER A 195 -34.03 14.47 -42.66
C SER A 195 -32.93 13.43 -42.88
N LEU A 196 -31.79 13.55 -42.17
CA LEU A 196 -30.67 12.60 -42.28
C LEU A 196 -31.11 11.18 -42.01
N ALA A 197 -31.83 10.96 -40.92
CA ALA A 197 -32.33 9.63 -40.54
C ALA A 197 -33.30 9.04 -41.60
N LYS A 198 -34.26 9.87 -42.10
CA LYS A 198 -35.21 9.47 -43.15
C LYS A 198 -34.46 9.08 -44.44
N THR A 199 -33.54 9.95 -44.93
CA THR A 199 -32.73 9.75 -46.12
C THR A 199 -31.89 8.46 -46.01
N THR A 200 -31.18 8.28 -44.87
CA THR A 200 -30.34 7.12 -44.59
C THR A 200 -31.12 5.80 -44.66
N PHE A 201 -32.29 5.77 -44.00
CA PHE A 201 -33.18 4.61 -43.97
C PHE A 201 -33.71 4.30 -45.37
N ASP A 202 -34.26 5.32 -46.08
CA ASP A 202 -34.83 5.17 -47.43
C ASP A 202 -33.81 4.71 -48.46
N GLU A 203 -32.59 5.27 -48.43
CA GLU A 203 -31.52 4.89 -49.38
C GLU A 203 -31.04 3.47 -49.20
N ALA A 204 -30.97 3.02 -47.93
CA ALA A 204 -30.56 1.66 -47.58
C ALA A 204 -31.68 0.67 -47.91
N MET A 205 -32.97 1.07 -47.76
CA MET A 205 -34.13 0.23 -48.06
C MET A 205 -34.22 -0.09 -49.56
N ALA A 206 -33.79 0.85 -50.42
CA ALA A 206 -33.81 0.73 -51.88
C ALA A 206 -32.71 -0.20 -52.44
N ASP A 207 -31.91 -0.74 -51.51
CA ASP A 207 -30.75 -1.63 -51.81
C ASP A 207 -30.78 -2.92 -50.97
N LEU A 208 -31.81 -3.14 -50.16
CA LEU A 208 -31.80 -4.32 -49.25
C LEU A 208 -31.83 -5.63 -50.04
N HIS A 209 -32.57 -5.61 -51.15
CA HIS A 209 -32.78 -6.75 -52.06
C HIS A 209 -31.46 -7.48 -52.41
N THR A 210 -30.40 -6.74 -52.74
CA THR A 210 -29.11 -7.33 -53.19
C THR A 210 -28.25 -7.91 -52.05
N LEU A 211 -28.46 -7.46 -50.82
CA LEU A 211 -27.66 -7.86 -49.67
C LEU A 211 -27.61 -9.36 -49.36
N SER A 212 -26.37 -9.85 -49.10
CA SER A 212 -26.07 -11.22 -48.70
C SER A 212 -26.64 -11.48 -47.30
N GLU A 213 -26.83 -12.75 -46.96
CA GLU A 213 -27.41 -13.22 -45.70
C GLU A 213 -26.75 -12.63 -44.43
N ASP A 214 -25.40 -12.60 -44.37
CA ASP A 214 -24.65 -12.11 -43.21
C ASP A 214 -24.76 -10.58 -43.00
N SER A 215 -24.66 -9.80 -44.11
CA SER A 215 -24.68 -8.32 -44.14
C SER A 215 -26.06 -7.72 -43.78
N TYR A 216 -27.11 -8.44 -44.20
CA TYR A 216 -28.50 -8.13 -43.98
C TYR A 216 -28.79 -7.94 -42.49
N LYS A 217 -28.23 -8.80 -41.61
CA LYS A 217 -28.48 -8.73 -40.17
C LYS A 217 -27.92 -7.45 -39.52
N ASP A 218 -26.66 -7.06 -39.85
CA ASP A 218 -26.00 -5.87 -39.28
C ASP A 218 -26.68 -4.58 -39.74
N SER A 219 -27.05 -4.55 -41.03
CA SER A 219 -27.69 -3.41 -41.65
C SER A 219 -29.12 -3.16 -41.12
N THR A 220 -29.96 -4.22 -41.08
CA THR A 220 -31.35 -4.12 -40.61
C THR A 220 -31.42 -3.76 -39.12
N LEU A 221 -30.40 -4.13 -38.34
CA LEU A 221 -30.30 -3.80 -36.92
C LEU A 221 -30.22 -2.28 -36.74
N ILE A 222 -29.28 -1.61 -37.48
CA ILE A 222 -29.08 -0.15 -37.45
C ILE A 222 -30.30 0.57 -38.04
N MET A 223 -30.90 0.00 -39.08
CA MET A 223 -32.07 0.54 -39.73
C MET A 223 -33.28 0.59 -38.79
N GLN A 224 -33.37 -0.38 -37.87
CA GLN A 224 -34.42 -0.39 -36.86
C GLN A 224 -34.19 0.76 -35.86
N LEU A 225 -32.90 1.03 -35.52
CA LEU A 225 -32.52 2.14 -34.64
C LEU A 225 -32.92 3.48 -35.27
N LEU A 226 -32.69 3.64 -36.59
CA LEU A 226 -33.09 4.83 -37.34
C LEU A 226 -34.60 4.99 -37.29
N ARG A 227 -35.34 3.88 -37.53
CA ARG A 227 -36.82 3.83 -37.52
C ARG A 227 -37.37 4.18 -36.15
N ASP A 228 -36.74 3.65 -35.08
CA ASP A 228 -37.15 3.95 -33.71
C ASP A 228 -36.99 5.42 -33.38
N ASN A 229 -35.83 6.01 -33.70
CA ASN A 229 -35.58 7.43 -33.53
C ASN A 229 -36.56 8.26 -34.32
N LEU A 230 -36.82 7.88 -35.60
CA LEU A 230 -37.75 8.60 -36.47
C LEU A 230 -39.15 8.61 -35.88
N THR A 231 -39.60 7.45 -35.30
CA THR A 231 -40.93 7.31 -34.66
C THR A 231 -41.03 8.27 -33.48
N LEU A 232 -39.97 8.32 -32.66
CA LEU A 232 -39.83 9.15 -31.47
C LEU A 232 -39.77 10.64 -31.81
N TRP A 233 -38.95 11.01 -32.81
CA TRP A 233 -38.73 12.40 -33.21
C TRP A 233 -39.89 13.05 -33.95
N THR A 234 -40.57 12.28 -34.84
CA THR A 234 -41.68 12.79 -35.66
C THR A 234 -43.03 12.50 -35.00
N GLY A 235 -43.04 11.57 -34.05
CA GLY A 235 -44.26 11.17 -33.36
C GLY A 235 -45.23 10.42 -34.24
N SER A 236 -44.87 9.15 -34.60
CA SER A 236 -45.72 8.30 -35.44
C SER A 236 -45.79 6.87 -34.94
N HIS B 3 -18.19 18.00 1.95
CA HIS B 3 -17.20 17.21 1.24
C HIS B 3 -16.59 16.06 2.07
N MET B 4 -16.26 16.31 3.39
CA MET B 4 -15.60 15.33 4.30
C MET B 4 -16.39 14.87 5.51
N GLU B 5 -17.23 15.77 6.09
CA GLU B 5 -18.09 15.51 7.26
C GLU B 5 -18.90 14.22 7.04
N ARG B 6 -18.97 13.35 8.07
CA ARG B 6 -19.67 12.06 8.08
C ARG B 6 -21.01 12.07 7.33
N ALA B 7 -21.87 13.07 7.61
CA ALA B 7 -23.19 13.26 7.00
C ALA B 7 -23.06 13.41 5.47
N SER B 8 -22.02 14.12 5.00
CA SER B 8 -21.73 14.33 3.58
C SER B 8 -21.30 13.02 2.92
N LEU B 9 -20.53 12.17 3.65
CA LEU B 9 -20.07 10.87 3.18
C LEU B 9 -21.22 9.88 3.01
N ILE B 10 -22.16 9.87 3.97
CA ILE B 10 -23.38 9.06 3.96
C ILE B 10 -24.28 9.52 2.80
N GLN B 11 -24.41 10.85 2.63
CA GLN B 11 -25.16 11.46 1.54
C GLN B 11 -24.63 11.04 0.15
N LYS B 12 -23.29 11.07 -0.01
CA LYS B 12 -22.59 10.74 -1.26
C LYS B 12 -22.63 9.24 -1.56
N ALA B 13 -22.67 8.40 -0.52
CA ALA B 13 -22.75 6.95 -0.72
C ALA B 13 -24.15 6.58 -1.26
N LYS B 14 -25.22 7.30 -0.80
CA LYS B 14 -26.60 7.11 -1.24
C LYS B 14 -26.73 7.56 -2.69
N LEU B 15 -26.03 8.66 -3.04
CA LEU B 15 -25.99 9.21 -4.40
C LEU B 15 -25.25 8.27 -5.33
N ALA B 16 -24.09 7.71 -4.90
CA ALA B 16 -23.29 6.73 -5.62
C ALA B 16 -24.10 5.46 -5.88
N GLU B 17 -24.98 5.07 -4.93
CA GLU B 17 -25.86 3.90 -5.08
C GLU B 17 -26.88 4.13 -6.20
N GLN B 18 -27.53 5.30 -6.20
CA GLN B 18 -28.51 5.68 -7.19
C GLN B 18 -27.89 5.71 -8.59
N ALA B 19 -26.61 6.12 -8.66
CA ALA B 19 -25.84 6.28 -9.89
C ALA B 19 -25.11 4.96 -10.26
N GLU B 20 -25.32 3.87 -9.46
CA GLU B 20 -24.76 2.54 -9.67
C GLU B 20 -23.21 2.54 -9.76
N ARG B 21 -22.60 3.43 -8.95
CA ARG B 21 -21.16 3.64 -8.80
C ARG B 21 -20.74 3.06 -7.46
N TYR B 22 -20.60 1.72 -7.41
CA TYR B 22 -20.37 0.94 -6.19
C TYR B 22 -18.96 1.04 -5.59
N GLU B 23 -17.91 1.27 -6.39
CA GLU B 23 -16.57 1.43 -5.83
C GLU B 23 -16.50 2.75 -5.04
N ASP B 24 -17.13 3.82 -5.57
CA ASP B 24 -17.26 5.15 -4.94
C ASP B 24 -18.07 5.03 -3.64
N MET B 25 -19.21 4.30 -3.70
CA MET B 25 -20.10 4.01 -2.58
C MET B 25 -19.33 3.37 -1.47
N ALA B 26 -18.50 2.39 -1.81
CA ALA B 26 -17.65 1.64 -0.86
C ALA B 26 -16.66 2.57 -0.19
N ALA B 27 -15.98 3.43 -0.98
CA ALA B 27 -14.98 4.39 -0.53
C ALA B 27 -15.60 5.38 0.43
N PHE B 28 -16.82 5.93 0.11
CA PHE B 28 -17.57 6.85 0.97
C PHE B 28 -17.99 6.18 2.25
N MET B 29 -18.44 4.91 2.19
CA MET B 29 -18.86 4.16 3.39
C MET B 29 -17.68 3.80 4.27
N LYS B 30 -16.50 3.47 3.67
CA LYS B 30 -15.25 3.17 4.38
C LYS B 30 -14.82 4.40 5.17
N GLY B 31 -14.88 5.57 4.54
CA GLY B 31 -14.54 6.83 5.19
C GLY B 31 -15.48 7.18 6.33
N ALA B 32 -16.79 6.85 6.17
CA ALA B 32 -17.82 7.09 7.18
C ALA B 32 -17.55 6.21 8.39
N VAL B 33 -17.23 4.92 8.16
CA VAL B 33 -16.89 3.95 9.20
C VAL B 33 -15.67 4.46 9.97
N GLU B 34 -14.64 4.92 9.25
CA GLU B 34 -13.38 5.43 9.81
C GLU B 34 -13.51 6.71 10.67
N LYS B 35 -14.72 7.28 10.77
CA LYS B 35 -15.00 8.43 11.65
C LYS B 35 -15.10 7.96 13.11
N GLY B 36 -15.33 6.67 13.32
CA GLY B 36 -15.35 6.05 14.64
C GLY B 36 -16.71 5.85 15.29
N GLU B 37 -17.78 6.34 14.66
CA GLU B 37 -19.14 6.21 15.20
C GLU B 37 -19.80 4.90 14.72
N GLU B 38 -20.87 4.53 15.41
CA GLU B 38 -21.73 3.39 15.14
C GLU B 38 -22.48 3.60 13.81
N LEU B 39 -22.72 2.54 13.06
CA LEU B 39 -23.56 2.65 11.87
C LEU B 39 -24.98 2.30 12.31
N SER B 40 -25.98 2.98 11.74
CA SER B 40 -27.40 2.68 11.97
C SER B 40 -27.73 1.45 11.08
N CYS B 41 -28.96 0.92 11.17
CA CYS B 41 -29.36 -0.22 10.37
C CYS B 41 -29.27 0.10 8.88
N GLU B 42 -29.70 1.31 8.51
CA GLU B 42 -29.66 1.84 7.15
C GLU B 42 -28.22 1.92 6.65
N GLU B 43 -27.33 2.52 7.47
CA GLU B 43 -25.90 2.71 7.18
C GLU B 43 -25.14 1.40 7.03
N ARG B 44 -25.52 0.38 7.82
CA ARG B 44 -24.91 -0.97 7.79
C ARG B 44 -25.15 -1.58 6.42
N ASN B 45 -26.39 -1.45 5.92
CA ASN B 45 -26.86 -1.99 4.65
C ASN B 45 -26.19 -1.30 3.47
N LEU B 46 -25.94 0.02 3.56
CA LEU B 46 -25.24 0.78 2.52
C LEU B 46 -23.81 0.21 2.40
N LEU B 47 -23.15 -0.08 3.54
CA LEU B 47 -21.81 -0.67 3.57
C LEU B 47 -21.80 -2.06 2.91
N SER B 48 -22.76 -2.94 3.32
CA SER B 48 -22.93 -4.28 2.78
C SER B 48 -23.11 -4.25 1.22
N VAL B 49 -24.19 -3.50 0.75
CA VAL B 49 -24.53 -3.35 -0.67
C VAL B 49 -23.32 -2.91 -1.48
N ALA B 50 -22.62 -1.89 -0.96
CA ALA B 50 -21.43 -1.30 -1.57
C ALA B 50 -20.34 -2.32 -1.88
N TYR B 51 -19.87 -3.07 -0.86
CA TYR B 51 -18.81 -4.07 -1.00
C TYR B 51 -19.27 -5.36 -1.63
N LYS B 52 -20.56 -5.72 -1.48
CA LYS B 52 -21.11 -6.92 -2.10
C LYS B 52 -21.05 -6.77 -3.63
N ASN B 53 -21.42 -5.59 -4.17
CA ASN B 53 -21.38 -5.34 -5.60
C ASN B 53 -19.95 -5.34 -6.18
N VAL B 54 -19.00 -4.71 -5.46
CA VAL B 54 -17.59 -4.63 -5.80
C VAL B 54 -16.99 -6.04 -5.89
N VAL B 55 -17.10 -6.85 -4.79
CA VAL B 55 -16.56 -8.23 -4.78
C VAL B 55 -17.35 -9.17 -5.72
N GLY B 56 -18.64 -8.88 -5.92
CA GLY B 56 -19.49 -9.67 -6.79
C GLY B 56 -18.95 -9.73 -8.19
N GLY B 57 -18.56 -8.55 -8.71
CA GLY B 57 -17.94 -8.40 -10.02
C GLY B 57 -16.57 -9.07 -10.10
N GLN B 58 -15.76 -8.96 -9.03
CA GLN B 58 -14.42 -9.55 -8.98
C GLN B 58 -14.46 -11.06 -8.96
N ARG B 59 -15.39 -11.64 -8.17
CA ARG B 59 -15.60 -13.09 -8.04
C ARG B 59 -16.07 -13.67 -9.37
N ALA B 60 -17.05 -13.00 -10.02
CA ALA B 60 -17.61 -13.41 -11.30
C ALA B 60 -16.53 -13.46 -12.36
N ALA B 61 -15.63 -12.45 -12.36
CA ALA B 61 -14.49 -12.33 -13.28
C ALA B 61 -13.48 -13.42 -13.04
N TRP B 62 -13.13 -13.64 -11.76
CA TRP B 62 -12.18 -14.67 -11.32
C TRP B 62 -12.65 -16.07 -11.71
N ARG B 63 -13.95 -16.34 -11.57
CA ARG B 63 -14.54 -17.62 -11.97
C ARG B 63 -14.40 -17.85 -13.49
N VAL B 64 -14.65 -16.81 -14.33
CA VAL B 64 -14.51 -16.88 -15.78
C VAL B 64 -13.05 -17.23 -16.18
N LEU B 65 -12.09 -16.45 -15.64
CA LEU B 65 -10.65 -16.62 -15.89
C LEU B 65 -10.12 -17.95 -15.42
N SER B 66 -10.47 -18.38 -14.18
CA SER B 66 -10.05 -19.65 -13.60
C SER B 66 -10.64 -20.83 -14.41
N SER B 67 -11.88 -20.72 -14.89
CA SER B 67 -12.52 -21.74 -15.72
C SER B 67 -11.74 -21.92 -17.04
N ILE B 68 -11.30 -20.80 -17.69
CA ILE B 68 -10.48 -20.81 -18.92
C ILE B 68 -9.11 -21.45 -18.64
N GLU B 69 -8.50 -21.08 -17.50
CA GLU B 69 -7.20 -21.60 -17.03
C GLU B 69 -7.23 -23.12 -16.74
N GLN B 70 -8.28 -23.60 -16.08
CA GLN B 70 -8.35 -25.03 -15.72
C GLN B 70 -8.86 -25.86 -16.89
N LYS B 71 -9.74 -25.29 -17.70
CA LYS B 71 -10.23 -26.05 -18.89
C LYS B 71 -9.08 -26.27 -19.86
N SER B 72 -8.20 -25.29 -20.01
CA SER B 72 -7.12 -25.47 -21.01
C SER B 72 -6.17 -26.52 -20.46
N ASN B 73 -6.36 -27.74 -20.93
CA ASN B 73 -5.59 -28.97 -20.59
C ASN B 73 -5.35 -29.72 -21.90
N GLU B 74 -4.13 -30.24 -22.09
CA GLU B 74 -3.55 -30.95 -23.24
C GLU B 74 -3.57 -30.14 -24.57
N ALA B 79 -4.03 -25.56 -26.60
CA ALA B 79 -3.39 -24.25 -26.41
C ALA B 79 -3.72 -23.57 -25.06
N ALA B 80 -2.69 -23.48 -24.17
CA ALA B 80 -2.82 -22.79 -22.86
C ALA B 80 -2.30 -21.33 -22.99
N GLY B 81 -2.26 -20.60 -21.90
CA GLY B 81 -1.78 -19.22 -22.02
C GLY B 81 -1.19 -18.61 -20.78
N PRO B 82 0.09 -18.14 -20.84
CA PRO B 82 0.68 -17.45 -19.68
C PRO B 82 -0.10 -16.20 -19.26
N GLU B 83 -0.81 -15.60 -20.21
CA GLU B 83 -1.62 -14.41 -20.00
C GLU B 83 -2.85 -14.72 -19.17
N VAL B 84 -3.43 -15.95 -19.29
CA VAL B 84 -4.60 -16.33 -18.48
C VAL B 84 -4.22 -16.33 -17.01
N ARG B 85 -3.11 -17.01 -16.67
CA ARG B 85 -2.62 -17.13 -15.30
C ARG B 85 -2.26 -15.76 -14.75
N GLU B 86 -1.47 -14.97 -15.52
CA GLU B 86 -1.07 -13.62 -15.11
C GLU B 86 -2.28 -12.73 -14.80
N TYR B 87 -3.28 -12.72 -15.71
CA TYR B 87 -4.44 -11.88 -15.57
C TYR B 87 -5.38 -12.42 -14.47
N ARG B 88 -5.49 -13.77 -14.31
CA ARG B 88 -6.28 -14.37 -13.22
C ARG B 88 -5.68 -13.91 -11.88
N GLU B 89 -4.32 -13.87 -11.80
CA GLU B 89 -3.56 -13.41 -10.63
C GLU B 89 -3.80 -11.93 -10.32
N LYS B 90 -3.94 -11.08 -11.37
CA LYS B 90 -4.19 -9.63 -11.25
C LYS B 90 -5.55 -9.38 -10.57
N VAL B 91 -6.61 -10.01 -11.12
CA VAL B 91 -7.99 -9.97 -10.61
C VAL B 91 -8.05 -10.50 -9.18
N GLU B 92 -7.40 -11.64 -8.93
CA GLU B 92 -7.34 -12.32 -7.63
C GLU B 92 -6.72 -11.44 -6.56
N THR B 93 -5.61 -10.78 -6.84
CA THR B 93 -4.91 -9.87 -5.92
C THR B 93 -5.82 -8.68 -5.56
N GLU B 94 -6.56 -8.20 -6.54
CA GLU B 94 -7.46 -7.08 -6.41
C GLU B 94 -8.64 -7.47 -5.51
N LEU B 95 -9.22 -8.67 -5.74
CA LEU B 95 -10.32 -9.26 -4.95
C LEU B 95 -9.88 -9.37 -3.49
N GLN B 96 -8.66 -9.91 -3.27
CA GLN B 96 -8.06 -10.08 -1.95
C GLN B 96 -7.90 -8.78 -1.20
N GLY B 97 -7.53 -7.72 -1.91
CA GLY B 97 -7.38 -6.38 -1.37
C GLY B 97 -8.67 -5.82 -0.82
N VAL B 98 -9.80 -6.10 -1.49
CA VAL B 98 -11.13 -5.65 -1.09
C VAL B 98 -11.57 -6.41 0.19
N CYS B 99 -11.34 -7.75 0.23
CA CYS B 99 -11.67 -8.60 1.38
C CYS B 99 -10.88 -8.15 2.60
N ASP B 100 -9.59 -7.89 2.42
CA ASP B 100 -8.69 -7.41 3.48
C ASP B 100 -9.11 -6.03 4.03
N THR B 101 -9.66 -5.16 3.19
CA THR B 101 -10.15 -3.83 3.55
C THR B 101 -11.41 -3.98 4.40
N VAL B 102 -12.37 -4.81 3.94
CA VAL B 102 -13.61 -5.09 4.65
C VAL B 102 -13.31 -5.71 6.01
N LEU B 103 -12.46 -6.75 6.04
CA LEU B 103 -12.10 -7.47 7.28
C LEU B 103 -11.39 -6.57 8.28
N GLY B 104 -10.57 -5.64 7.78
CA GLY B 104 -9.89 -4.61 8.57
C GLY B 104 -10.87 -3.66 9.24
N LEU B 105 -11.90 -3.21 8.50
CA LEU B 105 -12.95 -2.31 9.01
C LEU B 105 -13.74 -3.00 10.10
N LEU B 106 -14.07 -4.28 9.87
CA LEU B 106 -14.83 -5.06 10.81
C LEU B 106 -14.09 -5.24 12.12
N ASP B 107 -12.79 -5.60 12.07
CA ASP B 107 -11.98 -5.83 13.27
C ASP B 107 -11.59 -4.54 14.00
N SER B 108 -11.30 -3.46 13.27
CA SER B 108 -10.88 -2.20 13.85
C SER B 108 -12.00 -1.25 14.29
N HIS B 109 -13.21 -1.35 13.69
CA HIS B 109 -14.26 -0.39 14.01
C HIS B 109 -15.67 -0.94 14.23
N LEU B 110 -16.06 -2.08 13.61
CA LEU B 110 -17.44 -2.54 13.64
C LEU B 110 -17.77 -3.65 14.62
N ILE B 111 -16.95 -4.68 14.70
CA ILE B 111 -17.27 -5.72 15.65
C ILE B 111 -16.87 -5.24 17.02
N LYS B 112 -17.87 -5.11 17.89
CA LYS B 112 -17.66 -4.56 19.26
C LYS B 112 -18.06 -5.55 20.34
N GLU B 113 -17.75 -5.18 21.58
CA GLU B 113 -17.92 -6.06 22.77
C GLU B 113 -19.38 -6.50 22.87
N ALA B 114 -20.31 -5.55 22.68
CA ALA B 114 -21.76 -5.81 22.67
C ALA B 114 -22.49 -4.54 22.28
N GLY B 115 -23.66 -4.73 21.69
CA GLY B 115 -24.60 -3.71 21.27
C GLY B 115 -25.87 -4.50 21.05
N ASP B 116 -26.62 -4.21 20.01
CA ASP B 116 -27.80 -5.00 19.79
C ASP B 116 -27.42 -6.27 19.08
N ALA B 117 -28.01 -7.36 19.48
CA ALA B 117 -27.77 -8.68 18.88
C ALA B 117 -27.74 -8.69 17.35
N GLU B 118 -28.76 -8.02 16.73
CA GLU B 118 -28.95 -7.91 15.30
C GLU B 118 -27.72 -7.28 14.62
N SER B 119 -27.25 -6.16 15.15
CA SER B 119 -26.07 -5.46 14.69
C SER B 119 -24.80 -6.35 14.87
N ARG B 120 -24.72 -7.14 15.96
CA ARG B 120 -23.58 -8.03 16.29
C ARG B 120 -23.51 -9.22 15.34
N VAL B 121 -24.68 -9.83 14.99
CA VAL B 121 -24.80 -10.96 14.07
C VAL B 121 -24.37 -10.50 12.68
N PHE B 122 -24.92 -9.38 12.19
CA PHE B 122 -24.62 -8.77 10.88
C PHE B 122 -23.13 -8.64 10.56
N TYR B 123 -22.34 -8.09 11.50
CA TYR B 123 -20.91 -7.89 11.38
C TYR B 123 -20.07 -9.21 11.42
N LEU B 124 -20.50 -10.21 12.22
CA LEU B 124 -19.86 -11.52 12.27
C LEU B 124 -20.24 -12.37 11.01
N LYS B 125 -21.46 -12.22 10.49
CA LYS B 125 -21.87 -12.83 9.23
C LYS B 125 -20.96 -12.24 8.14
N MET B 126 -20.76 -10.95 8.21
CA MET B 126 -19.91 -10.24 7.22
C MET B 126 -18.49 -10.79 7.33
N LYS B 127 -17.95 -10.85 8.54
CA LYS B 127 -16.62 -11.42 8.74
C LYS B 127 -16.51 -12.84 8.14
N GLY B 128 -17.57 -13.63 8.32
CA GLY B 128 -17.65 -14.99 7.82
C GLY B 128 -17.55 -15.00 6.32
N ASP B 129 -18.50 -14.30 5.64
CA ASP B 129 -18.61 -14.15 4.18
C ASP B 129 -17.33 -13.73 3.52
N TYR B 130 -16.63 -12.67 4.05
CA TYR B 130 -15.41 -12.15 3.41
C TYR B 130 -14.22 -13.11 3.57
N TYR B 131 -14.23 -13.95 4.63
CA TYR B 131 -13.21 -14.99 4.77
C TYR B 131 -13.55 -16.14 3.79
N ARG B 132 -14.86 -16.42 3.60
CA ARG B 132 -15.35 -17.39 2.63
C ARG B 132 -14.94 -16.97 1.20
N TYR B 133 -15.01 -15.65 0.89
CA TYR B 133 -14.57 -15.17 -0.42
C TYR B 133 -13.07 -15.36 -0.62
N LEU B 134 -12.27 -15.19 0.46
CA LEU B 134 -10.83 -15.40 0.43
C LEU B 134 -10.51 -16.85 0.19
N ALA B 135 -11.30 -17.74 0.84
CA ALA B 135 -11.19 -19.21 0.79
C ALA B 135 -11.52 -19.77 -0.62
N GLU B 136 -12.42 -19.08 -1.37
CA GLU B 136 -12.79 -19.45 -2.75
C GLU B 136 -11.55 -19.42 -3.69
N VAL B 137 -10.60 -18.49 -3.43
CA VAL B 137 -9.39 -18.27 -4.24
C VAL B 137 -8.10 -18.78 -3.56
N ALA B 138 -8.15 -19.13 -2.25
CA ALA B 138 -6.97 -19.57 -1.49
C ALA B 138 -6.45 -20.91 -1.91
N THR B 139 -5.11 -21.01 -2.03
CA THR B 139 -4.43 -22.20 -2.51
C THR B 139 -3.29 -22.74 -1.64
N GLY B 140 -2.62 -21.88 -0.90
CA GLY B 140 -1.45 -22.31 -0.15
C GLY B 140 -1.68 -23.13 1.11
N ASP B 141 -0.87 -22.81 2.14
CA ASP B 141 -1.01 -23.34 3.49
C ASP B 141 -1.98 -22.43 4.22
N ASP B 142 -2.22 -21.25 3.62
CA ASP B 142 -3.17 -20.18 3.99
C ASP B 142 -4.61 -20.65 4.00
N LYS B 143 -4.93 -21.65 3.19
CA LYS B 143 -6.29 -22.15 2.97
C LYS B 143 -6.96 -22.60 4.26
N LYS B 144 -6.26 -23.40 5.06
CA LYS B 144 -6.74 -23.90 6.32
C LYS B 144 -7.05 -22.76 7.29
N ARG B 145 -6.10 -21.80 7.49
CA ARG B 145 -6.33 -20.71 8.45
C ARG B 145 -7.43 -19.82 8.01
N ILE B 146 -7.58 -19.59 6.69
CA ILE B 146 -8.69 -18.81 6.15
C ILE B 146 -10.03 -19.52 6.42
N ILE B 147 -10.12 -20.83 6.07
CA ILE B 147 -11.30 -21.65 6.31
C ILE B 147 -11.67 -21.66 7.78
N ASP B 148 -10.66 -21.75 8.66
CA ASP B 148 -10.91 -21.74 10.13
C ASP B 148 -11.46 -20.41 10.60
N SER B 149 -10.92 -19.30 10.06
CA SER B 149 -11.33 -17.95 10.39
C SER B 149 -12.80 -17.73 10.00
N ALA B 150 -13.25 -18.28 8.83
CA ALA B 150 -14.62 -18.19 8.40
C ALA B 150 -15.52 -19.01 9.31
N ARG B 151 -15.07 -20.21 9.72
CA ARG B 151 -15.85 -21.04 10.65
C ARG B 151 -16.08 -20.36 12.01
N SER B 152 -15.01 -19.79 12.65
CA SER B 152 -15.10 -19.08 13.94
C SER B 152 -16.05 -17.90 13.90
N ALA B 153 -15.92 -17.04 12.89
CA ALA B 153 -16.79 -15.89 12.66
C ALA B 153 -18.25 -16.35 12.51
N TYR B 154 -18.51 -17.37 11.66
CA TYR B 154 -19.87 -17.89 11.43
C TYR B 154 -20.46 -18.55 12.67
N GLN B 155 -19.66 -19.36 13.36
CA GLN B 155 -20.09 -20.04 14.57
C GLN B 155 -20.42 -19.03 15.68
N GLU B 156 -19.60 -17.99 15.85
CA GLU B 156 -19.82 -16.96 16.88
C GLU B 156 -21.16 -16.22 16.64
N ALA B 157 -21.48 -15.90 15.37
CA ALA B 157 -22.72 -15.27 14.97
C ALA B 157 -23.89 -16.22 15.16
N MET B 158 -23.72 -17.55 14.93
CA MET B 158 -24.74 -18.60 15.14
C MET B 158 -25.15 -18.66 16.59
N ASP B 159 -24.16 -18.60 17.50
CA ASP B 159 -24.40 -18.62 18.94
C ASP B 159 -25.25 -17.44 19.40
N ILE B 160 -24.97 -16.25 18.89
CA ILE B 160 -25.74 -15.07 19.21
C ILE B 160 -27.17 -15.17 18.64
N SER B 161 -27.31 -15.59 17.38
CA SER B 161 -28.62 -15.68 16.76
C SER B 161 -29.54 -16.72 17.43
N LYS B 162 -28.96 -17.85 17.84
CA LYS B 162 -29.69 -18.94 18.50
C LYS B 162 -30.11 -18.59 19.92
N LYS B 163 -29.33 -17.69 20.59
CA LYS B 163 -29.61 -17.22 21.95
C LYS B 163 -30.55 -16.02 22.02
N GLU B 164 -30.46 -15.08 21.06
CA GLU B 164 -31.20 -13.82 21.08
C GLU B 164 -32.27 -13.62 20.00
N MET B 165 -32.28 -14.43 18.93
CA MET B 165 -33.22 -14.22 17.83
C MET B 165 -34.19 -15.37 17.64
N PRO B 166 -35.45 -15.13 17.20
CA PRO B 166 -36.37 -16.27 16.94
C PRO B 166 -35.98 -16.97 15.61
N PRO B 167 -36.40 -18.22 15.36
CA PRO B 167 -35.96 -18.92 14.12
C PRO B 167 -36.44 -18.33 12.80
N THR B 168 -37.40 -17.42 12.83
CA THR B 168 -37.94 -16.70 11.65
C THR B 168 -37.20 -15.41 11.32
N ASN B 169 -36.32 -14.92 12.22
CA ASN B 169 -35.57 -13.68 11.98
C ASN B 169 -34.75 -13.75 10.67
N PRO B 170 -34.91 -12.74 9.77
CA PRO B 170 -34.20 -12.80 8.48
C PRO B 170 -32.67 -12.76 8.57
N ILE B 171 -32.12 -12.03 9.55
CA ILE B 171 -30.66 -11.96 9.77
C ILE B 171 -30.14 -13.36 10.18
N ARG B 172 -30.87 -14.04 11.09
CA ARG B 172 -30.56 -15.38 11.56
C ARG B 172 -30.67 -16.40 10.40
N LEU B 173 -31.76 -16.29 9.58
CA LEU B 173 -32.02 -17.15 8.42
C LEU B 173 -30.91 -17.02 7.38
N GLY B 174 -30.50 -15.77 7.10
CA GLY B 174 -29.46 -15.42 6.14
C GLY B 174 -28.10 -15.95 6.53
N LEU B 175 -27.78 -15.81 7.83
CA LEU B 175 -26.54 -16.31 8.43
C LEU B 175 -26.45 -17.82 8.25
N ALA B 176 -27.51 -18.54 8.62
CA ALA B 176 -27.58 -20.00 8.51
C ALA B 176 -27.48 -20.46 7.06
N LEU B 177 -28.09 -19.70 6.11
CA LEU B 177 -28.00 -20.00 4.67
C LEU B 177 -26.53 -19.92 4.21
N ASN B 178 -25.84 -18.81 4.56
CA ASN B 178 -24.44 -18.62 4.16
C ASN B 178 -23.48 -19.62 4.79
N PHE B 179 -23.72 -19.99 6.06
CA PHE B 179 -22.88 -20.95 6.77
C PHE B 179 -23.08 -22.35 6.16
N SER B 180 -24.30 -22.65 5.69
CA SER B 180 -24.59 -23.93 5.03
C SER B 180 -23.91 -23.99 3.65
N VAL B 181 -23.80 -22.84 2.97
CA VAL B 181 -23.10 -22.70 1.69
C VAL B 181 -21.60 -22.90 1.97
N PHE B 182 -21.09 -22.32 3.08
CA PHE B 182 -19.72 -22.53 3.54
C PHE B 182 -19.46 -24.03 3.74
N HIS B 183 -20.34 -24.76 4.45
CA HIS B 183 -20.14 -26.20 4.69
C HIS B 183 -20.06 -26.97 3.38
N TYR B 184 -21.02 -26.71 2.48
CA TYR B 184 -21.06 -27.39 1.21
C TYR B 184 -19.80 -27.11 0.37
N GLU B 185 -19.72 -25.87 -0.16
CA GLU B 185 -18.69 -25.37 -1.06
C GLU B 185 -17.24 -25.39 -0.56
N ILE B 186 -17.03 -24.85 0.67
CA ILE B 186 -15.69 -24.62 1.22
C ILE B 186 -15.18 -25.76 2.08
N ALA B 187 -15.93 -26.10 3.12
CA ALA B 187 -15.60 -27.13 4.10
C ALA B 187 -15.76 -28.56 3.57
N ASN B 188 -16.37 -28.72 2.36
CA ASN B 188 -16.61 -30.04 1.72
C ASN B 188 -17.32 -31.01 2.66
N SER B 189 -18.35 -30.49 3.36
CA SER B 189 -19.19 -31.18 4.32
C SER B 189 -20.65 -31.09 3.81
N PRO B 190 -21.00 -31.88 2.75
CA PRO B 190 -22.37 -31.81 2.23
C PRO B 190 -23.45 -32.25 3.20
N GLU B 191 -23.11 -33.16 4.14
CA GLU B 191 -24.03 -33.68 5.15
C GLU B 191 -24.41 -32.59 6.16
N GLU B 192 -23.41 -31.80 6.65
CA GLU B 192 -23.60 -30.67 7.60
C GLU B 192 -24.39 -29.57 6.95
N ALA B 193 -24.12 -29.31 5.67
CA ALA B 193 -24.78 -28.29 4.85
C ALA B 193 -26.27 -28.61 4.71
N ILE B 194 -26.60 -29.83 4.23
CA ILE B 194 -27.96 -30.32 4.05
C ILE B 194 -28.72 -30.25 5.36
N SER B 195 -28.07 -30.73 6.46
CA SER B 195 -28.60 -30.74 7.81
C SER B 195 -28.93 -29.34 8.30
N LEU B 196 -27.95 -28.41 8.28
CA LEU B 196 -28.16 -27.02 8.71
C LEU B 196 -29.30 -26.36 7.94
N ALA B 197 -29.30 -26.48 6.60
CA ALA B 197 -30.35 -25.92 5.74
C ALA B 197 -31.74 -26.54 6.05
N LYS B 198 -31.82 -27.89 6.22
CA LYS B 198 -33.06 -28.59 6.57
C LYS B 198 -33.60 -28.11 7.94
N THR B 199 -32.75 -28.09 8.97
CA THR B 199 -33.09 -27.64 10.34
C THR B 199 -33.58 -26.18 10.35
N THR B 200 -32.84 -25.28 9.69
CA THR B 200 -33.14 -23.86 9.57
C THR B 200 -34.52 -23.62 8.95
N PHE B 201 -34.79 -24.31 7.82
CA PHE B 201 -36.04 -24.20 7.08
C PHE B 201 -37.21 -24.73 7.92
N ASP B 202 -37.05 -25.94 8.51
CA ASP B 202 -38.08 -26.59 9.32
C ASP B 202 -38.45 -25.80 10.58
N GLU B 203 -37.44 -25.27 11.29
CA GLU B 203 -37.65 -24.46 12.50
C GLU B 203 -38.37 -23.14 12.23
N ALA B 204 -38.05 -22.49 11.10
CA ALA B 204 -38.67 -21.23 10.67
C ALA B 204 -40.10 -21.50 10.17
N MET B 205 -40.35 -22.67 9.55
CA MET B 205 -41.67 -23.06 9.03
C MET B 205 -42.68 -23.27 10.18
N ALA B 206 -42.17 -23.72 11.35
CA ALA B 206 -42.96 -23.97 12.56
C ALA B 206 -43.36 -22.68 13.33
N ASP B 207 -42.81 -21.52 12.92
CA ASP B 207 -43.02 -20.21 13.55
C ASP B 207 -43.70 -19.16 12.64
N LEU B 208 -43.62 -19.35 11.30
CA LEU B 208 -44.10 -18.46 10.21
C LEU B 208 -45.50 -17.82 10.41
N HIS B 209 -46.36 -18.41 11.26
CA HIS B 209 -47.73 -17.91 11.51
C HIS B 209 -47.77 -16.60 12.31
N THR B 210 -46.90 -16.48 13.34
CA THR B 210 -46.76 -15.32 14.23
C THR B 210 -45.87 -14.22 13.59
N LEU B 211 -46.10 -13.88 12.29
CA LEU B 211 -45.30 -12.93 11.50
C LEU B 211 -46.08 -11.73 10.90
N SER B 212 -45.41 -10.56 10.80
CA SER B 212 -46.00 -9.37 10.17
C SER B 212 -45.66 -9.40 8.67
N GLU B 213 -46.58 -8.90 7.82
CA GLU B 213 -46.45 -8.82 6.35
C GLU B 213 -45.00 -8.44 5.88
N ASP B 214 -44.44 -7.34 6.46
CA ASP B 214 -43.11 -6.81 6.17
C ASP B 214 -42.04 -7.87 6.48
N SER B 215 -42.06 -8.40 7.73
CA SER B 215 -41.16 -9.44 8.24
C SER B 215 -41.22 -10.70 7.35
N TYR B 216 -42.44 -11.26 7.17
CA TYR B 216 -42.80 -12.43 6.37
C TYR B 216 -42.11 -12.45 4.99
N LYS B 217 -42.19 -11.33 4.25
CA LYS B 217 -41.59 -11.20 2.93
C LYS B 217 -40.07 -11.46 2.93
N ASP B 218 -39.35 -10.87 3.90
CA ASP B 218 -37.88 -11.04 4.05
C ASP B 218 -37.52 -12.49 4.42
N SER B 219 -38.30 -13.09 5.33
CA SER B 219 -38.10 -14.45 5.81
C SER B 219 -38.36 -15.52 4.74
N THR B 220 -39.52 -15.45 4.06
CA THR B 220 -39.89 -16.42 3.00
C THR B 220 -38.95 -16.37 1.80
N LEU B 221 -38.32 -15.19 1.54
CA LEU B 221 -37.34 -15.02 0.48
C LEU B 221 -36.11 -15.88 0.74
N ILE B 222 -35.55 -15.81 1.96
CA ILE B 222 -34.37 -16.59 2.37
C ILE B 222 -34.72 -18.08 2.42
N MET B 223 -35.92 -18.40 2.89
CA MET B 223 -36.43 -19.76 2.99
C MET B 223 -36.47 -20.47 1.66
N GLN B 224 -36.77 -19.73 0.57
CA GLN B 224 -36.78 -20.30 -0.78
C GLN B 224 -35.36 -20.51 -1.28
N LEU B 225 -34.42 -19.65 -0.86
CA LEU B 225 -33.01 -19.83 -1.19
C LEU B 225 -32.53 -21.12 -0.54
N LEU B 226 -32.94 -21.35 0.73
CA LEU B 226 -32.63 -22.58 1.47
C LEU B 226 -33.25 -23.77 0.75
N ARG B 227 -34.54 -23.70 0.45
CA ARG B 227 -35.25 -24.81 -0.24
C ARG B 227 -34.56 -25.15 -1.56
N ASP B 228 -34.21 -24.14 -2.35
CA ASP B 228 -33.57 -24.33 -3.64
C ASP B 228 -32.20 -25.00 -3.52
N ASN B 229 -31.37 -24.55 -2.56
CA ASN B 229 -30.06 -25.16 -2.26
C ASN B 229 -30.26 -26.63 -1.95
N LEU B 230 -31.25 -26.95 -1.10
CA LEU B 230 -31.59 -28.30 -0.70
C LEU B 230 -31.94 -29.18 -1.89
N THR B 231 -32.86 -28.72 -2.75
CA THR B 231 -33.31 -29.43 -3.96
C THR B 231 -32.12 -29.83 -4.84
N LEU B 232 -31.17 -28.90 -5.01
CA LEU B 232 -29.93 -29.05 -5.76
C LEU B 232 -28.94 -30.01 -5.04
N TRP B 233 -28.78 -29.87 -3.71
CA TRP B 233 -27.85 -30.66 -2.92
C TRP B 233 -28.27 -32.10 -2.68
N THR B 234 -29.57 -32.32 -2.42
CA THR B 234 -30.16 -33.63 -2.14
C THR B 234 -30.56 -34.35 -3.43
N GLY B 235 -30.91 -33.55 -4.45
CA GLY B 235 -31.43 -34.03 -5.73
C GLY B 235 -32.77 -34.68 -5.50
N SER B 236 -33.78 -33.91 -5.03
CA SER B 236 -35.12 -34.44 -4.73
C SER B 236 -36.22 -34.03 -5.70
N GLY B 237 -36.09 -32.82 -6.25
CA GLY B 237 -37.07 -32.24 -7.15
C GLY B 237 -38.20 -31.55 -6.41
N PRO C 2 57.80 6.17 18.24
CA PRO C 2 57.32 5.87 16.88
C PRO C 2 55.81 5.66 16.77
N HIS C 3 55.25 5.84 15.55
CA HIS C 3 53.82 5.69 15.38
C HIS C 3 53.39 4.24 15.23
N MET C 4 52.39 3.87 16.04
CA MET C 4 51.79 2.54 16.16
C MET C 4 50.38 2.49 15.61
N GLU C 5 50.08 1.36 14.90
CA GLU C 5 48.80 1.00 14.28
C GLU C 5 47.67 1.10 15.32
N ARG C 6 48.00 0.68 16.57
CA ARG C 6 47.12 0.69 17.75
C ARG C 6 46.50 2.07 17.98
N ALA C 7 47.35 3.14 18.01
CA ALA C 7 46.98 4.53 18.23
C ALA C 7 45.99 5.02 17.18
N SER C 8 46.20 4.61 15.90
CA SER C 8 45.34 4.93 14.77
C SER C 8 43.98 4.23 14.90
N LEU C 9 43.97 2.97 15.43
CA LEU C 9 42.74 2.19 15.64
C LEU C 9 41.88 2.81 16.73
N ILE C 10 42.51 3.28 17.82
CA ILE C 10 41.86 3.94 18.95
C ILE C 10 41.32 5.28 18.47
N GLN C 11 42.11 6.02 17.66
CA GLN C 11 41.70 7.29 17.03
C GLN C 11 40.44 7.14 16.15
N LYS C 12 40.42 6.10 15.30
CA LYS C 12 39.32 5.77 14.38
C LYS C 12 38.06 5.26 15.11
N ALA C 13 38.23 4.59 16.26
CA ALA C 13 37.09 4.11 17.04
C ALA C 13 36.37 5.31 17.69
N LYS C 14 37.14 6.35 18.10
CA LYS C 14 36.62 7.59 18.68
C LYS C 14 35.89 8.38 17.61
N LEU C 15 36.42 8.35 16.36
CA LEU C 15 35.81 9.01 15.19
C LEU C 15 34.50 8.31 14.82
N ALA C 16 34.50 6.97 14.82
CA ALA C 16 33.33 6.13 14.53
C ALA C 16 32.23 6.36 15.57
N GLU C 17 32.63 6.64 16.84
CA GLU C 17 31.68 6.93 17.91
C GLU C 17 30.97 8.26 17.66
N GLN C 18 31.76 9.29 17.30
CA GLN C 18 31.24 10.61 17.02
C GLN C 18 30.25 10.60 15.87
N ALA C 19 30.53 9.74 14.88
CA ALA C 19 29.77 9.54 13.65
C ALA C 19 28.63 8.49 13.83
N GLU C 20 28.46 7.94 15.07
CA GLU C 20 27.43 6.98 15.45
C GLU C 20 27.42 5.70 14.57
N ARG C 21 28.66 5.29 14.16
CA ARG C 21 29.00 4.12 13.33
C ARG C 21 29.62 3.08 14.26
N TYR C 22 28.76 2.38 15.03
CA TYR C 22 29.13 1.45 16.07
C TYR C 22 29.70 0.11 15.61
N GLU C 23 29.33 -0.41 14.41
CA GLU C 23 29.93 -1.65 13.90
C GLU C 23 31.40 -1.41 13.56
N ASP C 24 31.71 -0.24 12.97
CA ASP C 24 33.07 0.20 12.62
C ASP C 24 33.89 0.36 13.91
N MET C 25 33.30 1.03 14.91
CA MET C 25 33.88 1.29 16.23
C MET C 25 34.29 -0.03 16.87
N ALA C 26 33.40 -1.05 16.79
CA ALA C 26 33.62 -2.39 17.32
C ALA C 26 34.78 -3.06 16.62
N ALA C 27 34.81 -3.00 15.29
CA ALA C 27 35.88 -3.57 14.46
C ALA C 27 37.25 -2.96 14.77
N PHE C 28 37.31 -1.60 14.93
CA PHE C 28 38.53 -0.86 15.30
C PHE C 28 38.98 -1.25 16.72
N MET C 29 38.04 -1.38 17.66
CA MET C 29 38.34 -1.77 19.04
C MET C 29 38.80 -3.23 19.14
N LYS C 30 38.21 -4.13 18.32
CA LYS C 30 38.59 -5.56 18.23
C LYS C 30 40.05 -5.66 17.78
N GLY C 31 40.40 -4.89 16.75
CA GLY C 31 41.75 -4.83 16.20
C GLY C 31 42.76 -4.29 17.19
N ALA C 32 42.34 -3.30 18.02
CA ALA C 32 43.16 -2.68 19.06
C ALA C 32 43.43 -3.70 20.16
N VAL C 33 42.38 -4.44 20.58
CA VAL C 33 42.48 -5.50 21.60
C VAL C 33 43.45 -6.57 21.09
N GLU C 34 43.31 -6.99 19.82
CA GLU C 34 44.12 -8.02 19.19
C GLU C 34 45.62 -7.69 19.06
N LYS C 35 46.03 -6.45 19.41
CA LYS C 35 47.44 -6.06 19.44
C LYS C 35 48.18 -6.72 20.66
N GLY C 36 47.40 -7.11 21.67
CA GLY C 36 47.89 -7.80 22.85
C GLY C 36 48.18 -6.97 24.09
N GLU C 37 47.99 -5.64 24.00
CA GLU C 37 48.24 -4.72 25.10
C GLU C 37 46.99 -4.53 25.93
N GLU C 38 47.18 -4.02 27.15
CA GLU C 38 46.20 -3.70 28.17
C GLU C 38 45.33 -2.55 27.71
N LEU C 39 44.03 -2.59 28.02
CA LEU C 39 43.18 -1.44 27.71
C LEU C 39 43.15 -0.55 28.94
N SER C 40 43.14 0.78 28.73
CA SER C 40 43.02 1.77 29.79
C SER C 40 41.54 1.83 30.16
N CYS C 41 41.19 2.62 31.20
CA CYS C 41 39.79 2.75 31.60
C CYS C 41 38.96 3.35 30.47
N GLU C 42 39.52 4.36 29.79
CA GLU C 42 38.91 5.03 28.63
C GLU C 42 38.65 4.00 27.51
N GLU C 43 39.70 3.21 27.14
CA GLU C 43 39.69 2.17 26.08
C GLU C 43 38.74 1.02 26.39
N ARG C 44 38.62 0.68 27.67
CA ARG C 44 37.72 -0.38 28.18
C ARG C 44 36.28 -0.01 27.82
N ASN C 45 35.94 1.24 28.10
CA ASN C 45 34.63 1.84 27.87
C ASN C 45 34.28 1.97 26.38
N LEU C 46 35.28 2.33 25.52
CA LEU C 46 35.11 2.43 24.06
C LEU C 46 34.70 1.06 23.52
N LEU C 47 35.36 -0.02 24.01
CA LEU C 47 35.05 -1.40 23.62
C LEU C 47 33.62 -1.78 24.05
N SER C 48 33.28 -1.44 25.29
CA SER C 48 31.95 -1.70 25.87
C SER C 48 30.84 -0.97 25.12
N VAL C 49 30.96 0.35 24.91
CA VAL C 49 30.01 1.21 24.17
C VAL C 49 29.79 0.64 22.76
N ALA C 50 30.88 0.26 22.08
CA ALA C 50 30.84 -0.28 20.73
C ALA C 50 29.92 -1.46 20.67
N TYR C 51 30.31 -2.53 21.32
CA TYR C 51 29.59 -3.78 21.27
C TYR C 51 28.23 -3.74 21.92
N LYS C 52 28.04 -2.86 22.93
CA LYS C 52 26.75 -2.68 23.59
C LYS C 52 25.73 -2.14 22.59
N ASN C 53 26.15 -1.17 21.75
CA ASN C 53 25.28 -0.57 20.72
C ASN C 53 24.93 -1.55 19.62
N VAL C 54 25.93 -2.32 19.15
CA VAL C 54 25.78 -3.35 18.11
C VAL C 54 24.76 -4.42 18.58
N VAL C 55 24.99 -5.07 19.76
CA VAL C 55 24.09 -6.11 20.27
C VAL C 55 22.75 -5.51 20.73
N GLY C 56 22.78 -4.25 21.18
CA GLY C 56 21.58 -3.53 21.61
C GLY C 56 20.54 -3.48 20.50
N GLY C 57 20.99 -3.14 19.29
CA GLY C 57 20.18 -3.10 18.08
C GLY C 57 19.67 -4.47 17.66
N GLN C 58 20.53 -5.49 17.77
CA GLN C 58 20.18 -6.87 17.42
C GLN C 58 19.16 -7.46 18.37
N ARG C 59 19.31 -7.19 19.68
CA ARG C 59 18.40 -7.66 20.74
C ARG C 59 17.03 -7.00 20.59
N ALA C 60 17.02 -5.67 20.33
CA ALA C 60 15.80 -4.89 20.14
C ALA C 60 15.02 -5.43 18.96
N ALA C 61 15.73 -5.77 17.86
CA ALA C 61 15.16 -6.33 16.63
C ALA C 61 14.59 -7.72 16.89
N TRP C 62 15.37 -8.58 17.59
CA TRP C 62 14.99 -9.95 17.95
C TRP C 62 13.74 -9.97 18.82
N ARG C 63 13.64 -9.02 19.77
CA ARG C 63 12.47 -8.88 20.63
C ARG C 63 11.21 -8.53 19.82
N VAL C 64 11.33 -7.60 18.86
CA VAL C 64 10.23 -7.19 17.96
C VAL C 64 9.71 -8.40 17.16
N LEU C 65 10.62 -9.11 16.47
CA LEU C 65 10.34 -10.29 15.64
C LEU C 65 9.76 -11.44 16.43
N SER C 66 10.37 -11.78 17.59
CA SER C 66 9.92 -12.85 18.47
C SER C 66 8.52 -12.55 19.04
N SER C 67 8.23 -11.27 19.35
CA SER C 67 6.93 -10.84 19.84
C SER C 67 5.85 -11.07 18.75
N ILE C 68 6.16 -10.74 17.47
CA ILE C 68 5.26 -10.94 16.32
C ILE C 68 5.03 -12.45 16.08
N GLU C 69 6.13 -13.25 16.18
CA GLU C 69 6.13 -14.72 16.04
C GLU C 69 5.23 -15.37 17.09
N GLN C 70 5.02 -14.68 18.19
CA GLN C 70 4.17 -15.24 19.27
C GLN C 70 2.73 -14.69 19.24
N LYS C 71 2.48 -13.54 18.63
CA LYS C 71 1.09 -13.00 18.64
C LYS C 71 0.13 -13.92 17.87
N SER C 72 0.50 -14.33 16.65
CA SER C 72 -0.29 -15.31 15.82
C SER C 72 -1.79 -15.01 15.83
N ASN C 73 -2.23 -13.78 15.59
CA ASN C 73 -3.69 -13.54 15.75
C ASN C 73 -4.44 -13.04 14.51
N GLU C 74 -3.76 -12.53 13.49
CA GLU C 74 -4.58 -11.97 12.38
C GLU C 74 -4.33 -12.73 11.08
N GLU C 75 -5.41 -12.90 10.32
CA GLU C 75 -5.42 -13.64 9.09
C GLU C 75 -5.96 -12.79 7.92
N GLY C 76 -5.09 -12.31 7.06
CA GLY C 76 -5.56 -11.60 5.88
C GLY C 76 -5.85 -12.62 4.80
N SER C 77 -5.32 -12.42 3.61
CA SER C 77 -5.39 -13.42 2.55
C SER C 77 -3.99 -14.06 2.65
N ALA C 78 -3.04 -13.27 3.20
CA ALA C 78 -1.63 -13.57 3.40
C ALA C 78 -1.33 -13.66 4.89
N ALA C 79 -0.48 -14.64 5.27
CA ALA C 79 -0.07 -14.84 6.67
C ALA C 79 1.40 -14.54 6.91
N ALA C 80 1.71 -14.08 8.15
CA ALA C 80 3.05 -13.79 8.72
C ALA C 80 3.98 -15.03 8.50
N GLY C 81 3.39 -16.21 8.77
CA GLY C 81 3.88 -17.57 8.58
C GLY C 81 5.35 -17.87 8.77
N PRO C 82 5.98 -18.55 7.78
CA PRO C 82 7.39 -18.94 7.97
C PRO C 82 8.39 -17.78 7.88
N GLU C 83 8.03 -16.68 7.22
CA GLU C 83 8.87 -15.50 7.02
C GLU C 83 9.37 -14.88 8.33
N VAL C 84 8.47 -14.76 9.33
CA VAL C 84 8.80 -14.20 10.65
C VAL C 84 9.86 -15.08 11.32
N ARG C 85 9.65 -16.41 11.32
CA ARG C 85 10.57 -17.39 11.91
C ARG C 85 11.91 -17.34 11.20
N GLU C 86 11.91 -17.38 9.87
CA GLU C 86 13.15 -17.32 9.05
C GLU C 86 13.96 -16.08 9.36
N TYR C 87 13.30 -14.91 9.38
CA TYR C 87 13.96 -13.64 9.62
C TYR C 87 14.38 -13.48 11.10
N ARG C 88 13.58 -14.00 12.07
CA ARG C 88 13.94 -14.00 13.49
C ARG C 88 15.22 -14.83 13.66
N GLU C 89 15.33 -15.98 12.93
CA GLU C 89 16.49 -16.88 12.91
C GLU C 89 17.73 -16.19 12.32
N LYS C 90 17.57 -15.36 11.26
CA LYS C 90 18.64 -14.60 10.61
C LYS C 90 19.30 -13.62 11.60
N VAL C 91 18.46 -12.79 12.26
CA VAL C 91 18.85 -11.80 13.29
C VAL C 91 19.53 -12.52 14.47
N GLU C 92 18.94 -13.64 14.93
CA GLU C 92 19.41 -14.45 16.04
C GLU C 92 20.82 -14.99 15.79
N THR C 93 21.07 -15.55 14.61
CA THR C 93 22.37 -16.09 14.20
C THR C 93 23.44 -14.99 14.19
N GLU C 94 23.04 -13.82 13.72
CA GLU C 94 23.89 -12.65 13.62
C GLU C 94 24.29 -12.16 15.02
N LEU C 95 23.29 -12.06 15.94
CA LEU C 95 23.43 -11.67 17.35
C LEU C 95 24.44 -12.61 18.01
N GLN C 96 24.27 -13.93 17.81
CA GLN C 96 25.12 -15.00 18.35
C GLN C 96 26.57 -14.83 17.92
N GLY C 97 26.77 -14.40 16.68
CA GLY C 97 28.11 -14.16 16.12
C GLY C 97 28.87 -13.06 16.82
N VAL C 98 28.15 -12.00 17.19
CA VAL C 98 28.71 -10.84 17.90
C VAL C 98 29.09 -11.25 19.34
N CYS C 99 28.21 -12.00 20.04
CA CYS C 99 28.47 -12.48 21.41
C CYS C 99 29.68 -13.39 21.45
N ASP C 100 29.78 -14.31 20.46
CA ASP C 100 30.90 -15.23 20.35
C ASP C 100 32.23 -14.49 20.10
N THR C 101 32.20 -13.36 19.35
CA THR C 101 33.36 -12.50 19.06
C THR C 101 33.84 -11.81 20.33
N VAL C 102 32.89 -11.20 21.08
CA VAL C 102 33.18 -10.51 22.34
C VAL C 102 33.76 -11.52 23.36
N LEU C 103 33.09 -12.67 23.54
CA LEU C 103 33.49 -13.70 24.50
C LEU C 103 34.87 -14.25 24.18
N GLY C 104 35.19 -14.37 22.88
CA GLY C 104 36.50 -14.79 22.39
C GLY C 104 37.59 -13.79 22.76
N LEU C 105 37.30 -12.46 22.61
CA LEU C 105 38.24 -11.39 22.98
C LEU C 105 38.52 -11.40 24.47
N LEU C 106 37.47 -11.60 25.26
CA LEU C 106 37.57 -11.66 26.71
C LEU C 106 38.43 -12.82 27.18
N ASP C 107 38.19 -14.03 26.64
CA ASP C 107 38.91 -15.24 27.03
C ASP C 107 40.36 -15.27 26.51
N SER C 108 40.58 -14.80 25.28
CA SER C 108 41.91 -14.84 24.66
C SER C 108 42.83 -13.66 24.99
N HIS C 109 42.28 -12.48 25.34
CA HIS C 109 43.09 -11.28 25.55
C HIS C 109 42.81 -10.42 26.78
N LEU C 110 41.50 -10.26 27.16
CA LEU C 110 41.07 -9.30 28.18
C LEU C 110 41.05 -9.81 29.63
N ILE C 111 40.43 -10.98 29.91
CA ILE C 111 40.38 -11.58 31.27
C ILE C 111 41.74 -12.23 31.60
N LYS C 112 42.39 -11.70 32.65
CA LYS C 112 43.68 -12.17 33.18
C LYS C 112 43.68 -12.16 34.75
N GLU C 113 44.39 -13.14 35.38
CA GLU C 113 44.50 -13.30 36.85
C GLU C 113 45.26 -12.14 37.52
N ALA C 114 46.32 -11.63 36.85
CA ALA C 114 47.14 -10.51 37.28
C ALA C 114 46.55 -9.18 36.73
N GLY C 115 46.02 -8.36 37.64
CA GLY C 115 45.43 -7.08 37.27
C GLY C 115 44.58 -6.44 38.37
N ASP C 116 44.35 -5.09 38.24
CA ASP C 116 43.54 -4.31 39.19
C ASP C 116 42.14 -4.87 39.27
N ALA C 117 41.58 -4.88 40.49
CA ALA C 117 40.25 -5.40 40.81
C ALA C 117 39.16 -4.89 39.89
N GLU C 118 39.16 -3.56 39.61
CA GLU C 118 38.20 -2.86 38.77
C GLU C 118 38.16 -3.42 37.35
N SER C 119 39.35 -3.60 36.73
CA SER C 119 39.45 -4.17 35.39
C SER C 119 38.99 -5.63 35.42
N ARG C 120 39.53 -6.43 36.35
CA ARG C 120 39.18 -7.84 36.54
C ARG C 120 37.66 -8.06 36.67
N VAL C 121 36.96 -7.17 37.42
CA VAL C 121 35.50 -7.20 37.62
C VAL C 121 34.76 -6.75 36.34
N PHE C 122 35.25 -5.69 35.65
CA PHE C 122 34.67 -5.13 34.42
C PHE C 122 34.53 -6.21 33.35
N TYR C 123 35.61 -6.96 33.09
CA TYR C 123 35.70 -8.02 32.09
C TYR C 123 34.85 -9.25 32.43
N LEU C 124 34.86 -9.69 33.71
CA LEU C 124 34.02 -10.80 34.17
C LEU C 124 32.54 -10.42 34.11
N LYS C 125 32.20 -9.12 34.30
CA LYS C 125 30.84 -8.60 34.22
C LYS C 125 30.41 -8.73 32.74
N MET C 126 31.30 -8.30 31.85
CA MET C 126 31.09 -8.38 30.38
C MET C 126 30.86 -9.83 29.99
N LYS C 127 31.70 -10.75 30.50
CA LYS C 127 31.55 -12.19 30.23
C LYS C 127 30.16 -12.70 30.66
N GLY C 128 29.70 -12.20 31.80
CA GLY C 128 28.39 -12.54 32.35
C GLY C 128 27.32 -12.03 31.41
N ASP C 129 27.46 -10.75 31.02
CA ASP C 129 26.57 -10.01 30.12
C ASP C 129 26.34 -10.70 28.78
N TYR C 130 27.42 -11.07 28.09
CA TYR C 130 27.34 -11.62 26.75
C TYR C 130 26.87 -13.09 26.75
N TYR C 131 27.06 -13.82 27.86
CA TYR C 131 26.48 -15.16 28.00
C TYR C 131 24.98 -15.00 28.30
N ARG C 132 24.61 -13.94 29.04
CA ARG C 132 23.21 -13.60 29.32
C ARG C 132 22.49 -13.28 28.02
N TYR C 133 23.15 -12.57 27.09
CA TYR C 133 22.54 -12.23 25.81
C TYR C 133 22.32 -13.52 24.96
N LEU C 134 23.24 -14.48 25.04
CA LEU C 134 23.11 -15.76 24.36
C LEU C 134 21.96 -16.56 24.94
N ALA C 135 21.80 -16.51 26.28
CA ALA C 135 20.75 -17.18 27.06
C ALA C 135 19.35 -16.62 26.77
N GLU C 136 19.25 -15.32 26.42
CA GLU C 136 17.98 -14.67 26.07
C GLU C 136 17.32 -15.32 24.83
N VAL C 137 18.14 -15.84 23.92
CA VAL C 137 17.69 -16.44 22.66
C VAL C 137 17.82 -17.98 22.65
N ALA C 138 18.57 -18.58 23.63
CA ALA C 138 18.82 -20.02 23.71
C ALA C 138 17.57 -20.79 24.13
N THR C 139 17.28 -21.89 23.42
CA THR C 139 16.10 -22.73 23.67
C THR C 139 16.42 -24.23 23.80
N GLY C 140 17.45 -24.69 23.07
CA GLY C 140 17.82 -26.10 23.00
C GLY C 140 18.42 -26.71 24.25
N ASP C 141 19.22 -27.78 24.06
CA ASP C 141 19.91 -28.47 25.16
C ASP C 141 21.16 -27.69 25.59
N ASP C 142 21.68 -26.86 24.66
CA ASP C 142 22.81 -25.93 24.83
C ASP C 142 22.42 -24.84 25.87
N LYS C 143 21.11 -24.48 25.96
CA LYS C 143 20.54 -23.47 26.86
C LYS C 143 21.11 -23.47 28.29
N LYS C 144 21.03 -24.62 29.02
CA LYS C 144 21.52 -24.73 30.39
C LYS C 144 23.04 -24.53 30.52
N ARG C 145 23.81 -24.92 29.51
CA ARG C 145 25.29 -24.73 29.62
C ARG C 145 25.64 -23.25 29.56
N ILE C 146 24.91 -22.49 28.74
CA ILE C 146 25.06 -21.03 28.58
C ILE C 146 24.70 -20.31 29.90
N ILE C 147 23.51 -20.63 30.49
CA ILE C 147 23.03 -20.03 31.74
C ILE C 147 24.09 -20.17 32.83
N ASP C 148 24.67 -21.38 32.97
CA ASP C 148 25.76 -21.75 33.89
C ASP C 148 27.04 -20.92 33.66
N SER C 149 27.44 -20.76 32.40
CA SER C 149 28.61 -19.96 32.03
C SER C 149 28.40 -18.49 32.47
N ALA C 150 27.14 -17.96 32.35
CA ALA C 150 26.73 -16.62 32.77
C ALA C 150 26.79 -16.49 34.29
N ARG C 151 26.31 -17.55 35.00
CA ARG C 151 26.29 -17.68 36.45
C ARG C 151 27.72 -17.56 37.03
N SER C 152 28.69 -18.37 36.50
CA SER C 152 30.10 -18.43 36.90
C SER C 152 30.84 -17.09 36.78
N ALA C 153 30.69 -16.40 35.62
CA ALA C 153 31.30 -15.09 35.35
C ALA C 153 30.86 -14.06 36.41
N TYR C 154 29.54 -13.89 36.57
CA TYR C 154 28.92 -12.99 37.51
C TYR C 154 29.32 -13.34 38.96
N GLN C 155 29.28 -14.62 39.34
CA GLN C 155 29.65 -15.03 40.69
C GLN C 155 31.11 -14.74 41.03
N GLU C 156 32.04 -15.07 40.11
CA GLU C 156 33.47 -14.81 40.26
C GLU C 156 33.73 -13.30 40.41
N ALA C 157 33.05 -12.48 39.58
CA ALA C 157 33.12 -11.03 39.62
C ALA C 157 32.60 -10.49 40.94
N MET C 158 31.43 -11.03 41.42
CA MET C 158 30.77 -10.68 42.69
C MET C 158 31.71 -10.82 43.86
N ASP C 159 32.43 -11.96 43.90
CA ASP C 159 33.40 -12.26 44.97
C ASP C 159 34.53 -11.21 45.01
N ILE C 160 35.04 -10.80 43.84
CA ILE C 160 36.09 -9.78 43.76
C ILE C 160 35.54 -8.40 44.19
N SER C 161 34.34 -8.02 43.70
CA SER C 161 33.76 -6.71 44.03
C SER C 161 33.45 -6.56 45.52
N LYS C 162 32.96 -7.63 46.15
CA LYS C 162 32.63 -7.66 47.57
C LYS C 162 33.87 -7.61 48.47
N LYS C 163 35.01 -8.13 47.98
CA LYS C 163 36.30 -8.16 48.68
C LYS C 163 37.15 -6.91 48.47
N GLU C 164 37.11 -6.31 47.27
CA GLU C 164 37.98 -5.17 46.93
C GLU C 164 37.29 -3.82 46.71
N MET C 165 35.96 -3.79 46.51
CA MET C 165 35.26 -2.53 46.20
C MET C 165 34.26 -2.09 47.27
N PRO C 166 34.05 -0.76 47.50
CA PRO C 166 33.02 -0.35 48.47
C PRO C 166 31.61 -0.52 47.85
N PRO C 167 30.52 -0.62 48.66
CA PRO C 167 29.17 -0.84 48.09
C PRO C 167 28.64 0.26 47.16
N THR C 168 29.26 1.46 47.15
CA THR C 168 28.89 2.60 46.30
C THR C 168 29.60 2.61 44.94
N ASN C 169 30.63 1.74 44.74
CA ASN C 169 31.37 1.68 43.48
C ASN C 169 30.43 1.38 42.29
N PRO C 170 30.48 2.21 41.21
CA PRO C 170 29.57 2.00 40.06
C PRO C 170 29.75 0.68 39.33
N ILE C 171 31.01 0.16 39.23
CA ILE C 171 31.29 -1.12 38.57
C ILE C 171 30.62 -2.24 39.37
N ARG C 172 30.77 -2.21 40.71
CA ARG C 172 30.16 -3.15 41.65
C ARG C 172 28.61 -3.07 41.58
N LEU C 173 28.05 -1.83 41.60
CA LEU C 173 26.61 -1.57 41.52
C LEU C 173 26.02 -2.12 40.23
N GLY C 174 26.71 -1.87 39.11
CA GLY C 174 26.31 -2.31 37.78
C GLY C 174 26.30 -3.81 37.64
N LEU C 175 27.35 -4.46 38.18
CA LEU C 175 27.50 -5.90 38.19
C LEU C 175 26.33 -6.52 38.94
N ALA C 176 26.06 -6.05 40.17
CA ALA C 176 24.95 -6.53 41.01
C ALA C 176 23.59 -6.32 40.35
N LEU C 177 23.41 -5.20 39.60
CA LEU C 177 22.17 -4.91 38.87
C LEU C 177 21.99 -5.97 37.78
N ASN C 178 23.04 -6.23 36.97
CA ASN C 178 22.99 -7.19 35.89
C ASN C 178 22.83 -8.62 36.37
N PHE C 179 23.50 -9.00 37.47
CA PHE C 179 23.40 -10.35 38.05
C PHE C 179 21.98 -10.59 38.56
N SER C 180 21.33 -9.56 39.16
CA SER C 180 19.94 -9.65 39.67
C SER C 180 18.95 -9.79 38.49
N VAL C 181 19.27 -9.13 37.34
CA VAL C 181 18.49 -9.21 36.11
C VAL C 181 18.63 -10.65 35.61
N PHE C 182 19.87 -11.21 35.70
CA PHE C 182 20.17 -12.61 35.37
C PHE C 182 19.31 -13.57 36.24
N HIS C 183 19.19 -13.29 37.56
CA HIS C 183 18.38 -14.13 38.45
C HIS C 183 16.89 -14.13 38.05
N TYR C 184 16.25 -12.95 37.88
CA TYR C 184 14.81 -12.89 37.54
C TYR C 184 14.47 -13.37 36.11
N GLU C 185 15.14 -12.79 35.10
CA GLU C 185 14.87 -13.09 33.71
C GLU C 185 15.34 -14.47 33.20
N ILE C 186 16.59 -14.83 33.50
CA ILE C 186 17.25 -16.02 32.97
C ILE C 186 17.13 -17.23 33.88
N ALA C 187 17.60 -17.11 35.13
CA ALA C 187 17.62 -18.17 36.14
C ALA C 187 16.25 -18.48 36.75
N ASN C 188 15.24 -17.64 36.47
CA ASN C 188 13.87 -17.78 36.99
C ASN C 188 13.84 -17.92 38.53
N SER C 189 14.64 -17.08 39.20
CA SER C 189 14.81 -16.96 40.65
C SER C 189 14.39 -15.53 41.06
N PRO C 190 13.07 -15.21 41.05
CA PRO C 190 12.64 -13.86 41.41
C PRO C 190 12.97 -13.42 42.83
N GLU C 191 13.02 -14.39 43.76
CA GLU C 191 13.33 -14.15 45.17
C GLU C 191 14.77 -13.69 45.35
N GLU C 192 15.75 -14.39 44.69
CA GLU C 192 17.17 -14.09 44.71
C GLU C 192 17.44 -12.74 44.09
N ALA C 193 16.72 -12.43 42.99
CA ALA C 193 16.79 -11.17 42.23
C ALA C 193 16.39 -9.98 43.11
N ILE C 194 15.16 -10.06 43.71
CA ILE C 194 14.59 -9.04 44.58
C ILE C 194 15.54 -8.78 45.74
N SER C 195 16.03 -9.88 46.36
CA SER C 195 16.95 -9.86 47.48
C SER C 195 18.26 -9.15 47.12
N LEU C 196 18.95 -9.61 46.08
CA LEU C 196 20.21 -9.00 45.62
C LEU C 196 20.05 -7.52 45.34
N ALA C 197 19.01 -7.12 44.57
CA ALA C 197 18.74 -5.73 44.25
C ALA C 197 18.46 -4.88 45.50
N LYS C 198 17.62 -5.41 46.44
CA LYS C 198 17.30 -4.74 47.71
C LYS C 198 18.57 -4.52 48.56
N THR C 199 19.36 -5.58 48.76
CA THR C 199 20.63 -5.58 49.51
C THR C 199 21.61 -4.56 48.92
N THR C 200 21.83 -4.62 47.58
CA THR C 200 22.75 -3.75 46.84
C THR C 200 22.39 -2.26 47.01
N PHE C 201 21.09 -1.93 46.87
CA PHE C 201 20.58 -0.58 47.01
C PHE C 201 20.74 -0.08 48.45
N ASP C 202 20.30 -0.89 49.43
CA ASP C 202 20.37 -0.55 50.86
C ASP C 202 21.80 -0.36 51.37
N GLU C 203 22.74 -1.23 50.95
CA GLU C 203 24.15 -1.13 51.35
C GLU C 203 24.85 0.12 50.80
N ALA C 204 24.55 0.53 49.56
CA ALA C 204 25.10 1.74 48.95
C ALA C 204 24.40 3.02 49.50
N MET C 205 23.16 2.90 50.01
CA MET C 205 22.43 4.01 50.63
C MET C 205 22.99 4.35 52.03
N ALA C 206 23.59 3.34 52.70
CA ALA C 206 24.19 3.42 54.05
C ALA C 206 25.66 3.89 54.09
N ASP C 207 26.48 3.51 53.08
CA ASP C 207 27.92 3.84 52.94
C ASP C 207 28.09 4.96 51.87
N LEU C 208 27.04 5.81 51.73
CA LEU C 208 26.90 6.91 50.75
C LEU C 208 28.05 7.93 50.73
N HIS C 209 28.67 8.20 51.88
CA HIS C 209 29.76 9.21 51.90
C HIS C 209 30.90 8.73 51.00
N THR C 210 31.08 7.43 50.80
CA THR C 210 32.22 7.08 49.92
C THR C 210 31.78 7.03 48.46
N LEU C 211 31.31 8.16 47.93
CA LEU C 211 30.91 8.22 46.49
C LEU C 211 32.09 8.71 45.65
N SER C 212 31.85 8.99 44.35
CA SER C 212 32.93 9.49 43.45
C SER C 212 32.32 10.32 42.31
N GLU C 213 32.55 11.64 42.35
CA GLU C 213 31.97 12.69 41.50
C GLU C 213 31.92 12.22 40.04
N ASP C 214 33.06 11.85 39.43
CA ASP C 214 32.97 11.43 38.01
C ASP C 214 32.09 10.15 37.90
N SER C 215 31.96 9.46 39.06
CA SER C 215 31.16 8.26 39.26
C SER C 215 29.81 8.54 39.93
N TYR C 216 29.54 9.82 40.17
CA TYR C 216 28.24 10.30 40.67
C TYR C 216 27.28 10.11 39.50
N LYS C 217 27.74 10.54 38.32
CA LYS C 217 27.10 10.42 37.01
C LYS C 217 26.59 8.99 36.82
N ASP C 218 27.49 8.02 37.00
CA ASP C 218 27.25 6.61 36.84
C ASP C 218 26.42 6.00 37.98
N SER C 219 26.86 6.17 39.25
CA SER C 219 26.22 5.58 40.44
C SER C 219 24.81 6.08 40.78
N THR C 220 24.41 7.30 40.36
CA THR C 220 23.06 7.80 40.64
C THR C 220 22.08 7.09 39.71
N LEU C 221 22.50 6.84 38.45
CA LEU C 221 21.70 6.12 37.45
C LEU C 221 21.52 4.66 37.82
N ILE C 222 22.58 4.00 38.34
CA ILE C 222 22.51 2.58 38.69
C ILE C 222 21.55 2.35 39.84
N MET C 223 21.51 3.28 40.80
CA MET C 223 20.57 3.17 41.91
C MET C 223 19.15 3.60 41.49
N GLN C 224 19.05 4.25 40.34
CA GLN C 224 17.75 4.68 39.77
C GLN C 224 17.08 3.45 39.17
N LEU C 225 17.89 2.61 38.53
CA LEU C 225 17.46 1.35 37.90
C LEU C 225 17.19 0.26 38.94
N LEU C 226 18.15 0.01 39.89
CA LEU C 226 18.01 -0.94 41.01
C LEU C 226 16.64 -0.74 41.67
N ARG C 227 16.26 0.55 41.91
CA ARG C 227 14.98 0.96 42.47
C ARG C 227 13.85 0.64 41.47
N ASP C 228 13.98 1.08 40.19
CA ASP C 228 12.96 0.85 39.17
C ASP C 228 12.60 -0.62 38.93
N ASN C 229 13.60 -1.54 39.04
CA ASN C 229 13.39 -2.98 38.89
C ASN C 229 12.76 -3.57 40.14
N LEU C 230 13.13 -3.07 41.36
CA LEU C 230 12.51 -3.50 42.63
C LEU C 230 11.01 -3.12 42.64
N THR C 231 10.63 -1.96 42.01
CA THR C 231 9.25 -1.46 41.89
C THR C 231 8.44 -2.39 40.97
N LEU C 232 9.04 -2.77 39.84
CA LEU C 232 8.47 -3.64 38.82
C LEU C 232 8.33 -5.09 39.30
N TRP C 233 9.38 -5.61 39.98
CA TRP C 233 9.44 -6.99 40.45
C TRP C 233 8.55 -7.29 41.67
N THR C 234 8.46 -6.33 42.62
CA THR C 234 7.63 -6.47 43.84
C THR C 234 6.21 -5.90 43.65
N GLY C 235 6.05 -5.04 42.65
CA GLY C 235 4.79 -4.41 42.30
C GLY C 235 4.36 -3.35 43.27
N SER C 236 4.88 -2.11 43.09
CA SER C 236 4.56 -0.97 43.98
C SER C 236 3.61 0.08 43.37
N MET D 4 5.63 -16.75 -5.63
CA MET D 4 5.03 -16.12 -4.43
C MET D 4 6.13 -15.48 -3.59
N GLU D 5 7.40 -15.60 -4.01
CA GLU D 5 8.58 -15.08 -3.27
C GLU D 5 8.55 -13.55 -3.15
N ARG D 6 7.98 -12.88 -4.15
CA ARG D 6 7.88 -11.40 -4.13
C ARG D 6 7.04 -10.96 -2.93
N ALA D 7 5.98 -11.69 -2.59
CA ALA D 7 5.19 -11.39 -1.38
C ALA D 7 6.05 -11.67 -0.15
N SER D 8 6.81 -12.77 -0.14
CA SER D 8 7.67 -13.07 1.00
C SER D 8 8.72 -11.98 1.24
N LEU D 9 9.28 -11.40 0.14
CA LEU D 9 10.27 -10.32 0.18
C LEU D 9 9.64 -9.03 0.70
N ILE D 10 8.40 -8.73 0.25
CA ILE D 10 7.61 -7.57 0.68
C ILE D 10 7.23 -7.75 2.16
N GLN D 11 6.86 -8.99 2.57
CA GLN D 11 6.56 -9.33 3.96
C GLN D 11 7.77 -9.10 4.89
N LYS D 12 8.96 -9.54 4.46
CA LYS D 12 10.21 -9.43 5.20
C LYS D 12 10.73 -7.99 5.28
N ALA D 13 10.45 -7.13 4.25
CA ALA D 13 10.84 -5.72 4.27
C ALA D 13 10.02 -4.97 5.32
N LYS D 14 8.70 -5.34 5.44
CA LYS D 14 7.77 -4.77 6.42
C LYS D 14 8.22 -5.16 7.82
N LEU D 15 8.69 -6.43 7.99
CA LEU D 15 9.21 -6.95 9.25
C LEU D 15 10.52 -6.25 9.64
N ALA D 16 11.42 -6.04 8.65
CA ALA D 16 12.69 -5.33 8.81
C ALA D 16 12.46 -3.87 9.21
N GLU D 17 11.36 -3.26 8.70
CA GLU D 17 10.99 -1.89 9.02
C GLU D 17 10.57 -1.78 10.49
N GLN D 18 9.72 -2.71 10.94
CA GLN D 18 9.23 -2.76 12.30
C GLN D 18 10.38 -2.97 13.30
N ALA D 19 11.39 -3.74 12.88
CA ALA D 19 12.60 -4.07 13.64
C ALA D 19 13.72 -3.03 13.46
N GLU D 20 13.45 -1.94 12.68
CA GLU D 20 14.35 -0.81 12.42
C GLU D 20 15.72 -1.25 11.84
N ARG D 21 15.67 -2.31 10.99
CA ARG D 21 16.77 -2.97 10.28
C ARG D 21 16.66 -2.56 8.82
N TYR D 22 17.10 -1.33 8.52
CA TYR D 22 16.94 -0.70 7.22
C TYR D 22 17.84 -1.23 6.11
N GLU D 23 19.05 -1.74 6.41
CA GLU D 23 19.89 -2.33 5.35
C GLU D 23 19.24 -3.60 4.82
N ASP D 24 18.64 -4.43 5.73
CA ASP D 24 17.91 -5.67 5.42
C ASP D 24 16.65 -5.32 4.59
N MET D 25 15.91 -4.30 5.03
CA MET D 25 14.73 -3.77 4.37
C MET D 25 15.05 -3.38 2.92
N ALA D 26 16.19 -2.70 2.72
CA ALA D 26 16.69 -2.28 1.42
C ALA D 26 17.00 -3.47 0.54
N ALA D 27 17.71 -4.47 1.11
CA ALA D 27 18.06 -5.71 0.41
C ALA D 27 16.83 -6.48 -0.05
N PHE D 28 15.78 -6.58 0.84
CA PHE D 28 14.51 -7.25 0.53
C PHE D 28 13.76 -6.51 -0.55
N MET D 29 13.76 -5.16 -0.50
CA MET D 29 13.09 -4.32 -1.50
C MET D 29 13.82 -4.34 -2.85
N LYS D 30 15.17 -4.42 -2.86
CA LYS D 30 16.01 -4.54 -4.05
C LYS D 30 15.66 -5.85 -4.77
N GLY D 31 15.55 -6.93 -4.01
CA GLY D 31 15.19 -8.25 -4.53
C GLY D 31 13.78 -8.29 -5.10
N ALA D 32 12.84 -7.55 -4.46
CA ALA D 32 11.45 -7.45 -4.89
C ALA D 32 11.39 -6.68 -6.23
N VAL D 33 12.15 -5.58 -6.35
CA VAL D 33 12.24 -4.77 -7.56
C VAL D 33 12.80 -5.64 -8.71
N GLU D 34 13.85 -6.42 -8.41
CA GLU D 34 14.53 -7.30 -9.36
C GLU D 34 13.65 -8.47 -9.90
N LYS D 35 12.40 -8.62 -9.38
CA LYS D 35 11.45 -9.62 -9.89
C LYS D 35 10.87 -9.16 -11.25
N GLY D 36 10.95 -7.86 -11.54
CA GLY D 36 10.54 -7.28 -12.81
C GLY D 36 9.16 -6.68 -12.89
N GLU D 37 8.37 -6.75 -11.78
CA GLU D 37 7.03 -6.16 -11.75
C GLU D 37 7.08 -4.73 -11.21
N GLU D 38 6.06 -3.92 -11.54
CA GLU D 38 5.89 -2.55 -11.09
C GLU D 38 5.56 -2.54 -9.60
N LEU D 39 6.03 -1.50 -8.89
CA LEU D 39 5.73 -1.36 -7.46
C LEU D 39 4.44 -0.59 -7.30
N SER D 40 3.65 -0.96 -6.28
CA SER D 40 2.41 -0.29 -5.90
C SER D 40 2.83 0.95 -5.11
N CYS D 41 1.85 1.79 -4.73
CA CYS D 41 2.16 2.99 -3.98
C CYS D 41 2.79 2.65 -2.62
N GLU D 42 2.27 1.61 -1.97
CA GLU D 42 2.77 1.10 -0.69
C GLU D 42 4.23 0.61 -0.83
N GLU D 43 4.51 -0.21 -1.87
CA GLU D 43 5.79 -0.84 -2.14
C GLU D 43 6.90 0.14 -2.46
N ARG D 44 6.65 1.16 -3.33
CA ARG D 44 7.65 2.20 -3.65
C ARG D 44 8.00 3.05 -2.40
N ASN D 45 7.03 3.25 -1.46
CA ASN D 45 7.31 3.93 -0.19
C ASN D 45 8.24 3.10 0.69
N LEU D 46 8.05 1.76 0.72
CA LEU D 46 8.91 0.83 1.46
C LEU D 46 10.35 0.95 0.90
N LEU D 47 10.49 1.01 -0.43
CA LEU D 47 11.78 1.16 -1.11
C LEU D 47 12.42 2.52 -0.74
N SER D 48 11.58 3.59 -0.77
CA SER D 48 11.92 4.96 -0.46
C SER D 48 12.50 5.08 0.96
N VAL D 49 11.71 4.63 1.98
CA VAL D 49 12.00 4.61 3.42
C VAL D 49 13.30 3.83 3.70
N ALA D 50 13.45 2.64 3.09
CA ALA D 50 14.60 1.76 3.32
C ALA D 50 15.90 2.42 2.93
N TYR D 51 16.02 2.88 1.70
CA TYR D 51 17.25 3.50 1.22
C TYR D 51 17.48 4.89 1.79
N LYS D 52 16.40 5.63 2.12
CA LYS D 52 16.52 6.95 2.74
C LYS D 52 17.20 6.81 4.10
N ASN D 53 16.81 5.80 4.90
CA ASN D 53 17.40 5.57 6.22
C ASN D 53 18.86 5.16 6.13
N VAL D 54 19.19 4.24 5.19
CA VAL D 54 20.55 3.75 4.94
C VAL D 54 21.47 4.92 4.57
N VAL D 55 21.13 5.70 3.51
CA VAL D 55 21.96 6.84 3.08
C VAL D 55 21.92 7.99 4.10
N GLY D 56 20.81 8.11 4.83
CA GLY D 56 20.64 9.13 5.86
C GLY D 56 21.72 9.05 6.90
N GLY D 57 21.97 7.82 7.38
CA GLY D 57 23.02 7.49 8.35
C GLY D 57 24.41 7.71 7.80
N GLN D 58 24.64 7.34 6.53
CA GLN D 58 25.93 7.51 5.86
C GLN D 58 26.28 8.98 5.65
N ARG D 59 25.29 9.79 5.22
CA ARG D 59 25.44 11.23 4.98
C ARG D 59 25.72 11.97 6.30
N ALA D 60 24.98 11.61 7.36
CA ALA D 60 25.13 12.20 8.70
C ALA D 60 26.54 11.94 9.21
N ALA D 61 27.05 10.71 9.00
CA ALA D 61 28.39 10.27 9.40
C ALA D 61 29.47 11.03 8.61
N TRP D 62 29.29 11.12 7.27
CA TRP D 62 30.18 11.82 6.35
C TRP D 62 30.29 13.29 6.71
N ARG D 63 29.17 13.94 7.07
CA ARG D 63 29.14 15.35 7.48
C ARG D 63 29.95 15.56 8.77
N VAL D 64 29.83 14.66 9.76
CA VAL D 64 30.57 14.71 11.03
C VAL D 64 32.09 14.63 10.76
N LEU D 65 32.51 13.60 10.01
CA LEU D 65 33.92 13.34 9.63
C LEU D 65 34.53 14.47 8.81
N SER D 66 33.80 14.95 7.77
CA SER D 66 34.24 16.04 6.90
C SER D 66 34.37 17.35 7.70
N SER D 67 33.47 17.59 8.67
CA SER D 67 33.53 18.77 9.54
C SER D 67 34.82 18.75 10.41
N ILE D 68 35.18 17.55 10.96
CA ILE D 68 36.41 17.35 11.76
C ILE D 68 37.65 17.55 10.87
N GLU D 69 37.61 17.01 9.64
CA GLU D 69 38.67 17.10 8.63
C GLU D 69 38.92 18.55 8.22
N GLN D 70 37.83 19.36 8.08
CA GLN D 70 37.91 20.78 7.71
C GLN D 70 38.58 21.64 8.79
N LYS D 71 38.44 21.26 10.07
CA LYS D 71 39.09 21.95 11.19
C LYS D 71 40.62 21.74 11.09
N SER D 72 41.07 20.50 10.75
CA SER D 72 42.48 20.13 10.57
C SER D 72 43.08 20.60 9.24
N ALA D 79 46.13 20.51 15.07
CA ALA D 79 45.81 19.09 15.01
C ALA D 79 45.98 18.51 13.57
N ALA D 80 46.86 17.48 13.41
CA ALA D 80 47.15 16.85 12.12
C ALA D 80 47.29 15.29 12.14
N GLY D 81 46.35 14.60 11.47
CA GLY D 81 46.31 13.14 11.35
C GLY D 81 45.63 12.59 10.10
N PRO D 82 46.24 11.57 9.43
CA PRO D 82 45.62 10.96 8.22
C PRO D 82 44.36 10.12 8.45
N GLU D 83 44.11 9.71 9.72
CA GLU D 83 43.01 8.84 10.17
C GLU D 83 41.63 9.38 9.78
N VAL D 84 41.41 10.69 9.99
CA VAL D 84 40.14 11.34 9.67
C VAL D 84 39.85 11.22 8.18
N ARG D 85 40.86 11.55 7.33
CA ARG D 85 40.75 11.48 5.88
C ARG D 85 40.48 10.05 5.44
N GLU D 86 41.25 9.08 5.95
CA GLU D 86 41.10 7.66 5.62
C GLU D 86 39.70 7.17 5.92
N TYR D 87 39.21 7.47 7.14
CA TYR D 87 37.90 7.00 7.56
C TYR D 87 36.76 7.75 6.86
N ARG D 88 36.94 9.07 6.56
CA ARG D 88 35.95 9.85 5.79
C ARG D 88 35.82 9.20 4.39
N GLU D 89 36.96 8.76 3.79
CA GLU D 89 37.06 8.08 2.50
C GLU D 89 36.33 6.70 2.52
N LYS D 90 36.43 5.96 3.64
CA LYS D 90 35.79 4.65 3.82
C LYS D 90 34.25 4.79 3.77
N VAL D 91 33.70 5.71 4.60
CA VAL D 91 32.27 6.07 4.68
C VAL D 91 31.76 6.56 3.32
N GLU D 92 32.53 7.45 2.67
CA GLU D 92 32.24 8.06 1.37
C GLU D 92 32.07 7.01 0.27
N THR D 93 33.00 6.05 0.18
CA THR D 93 32.99 4.98 -0.80
C THR D 93 31.74 4.10 -0.60
N GLU D 94 31.41 3.85 0.66
CA GLU D 94 30.28 3.03 1.07
C GLU D 94 28.95 3.71 0.66
N LEU D 95 28.84 5.04 0.93
CA LEU D 95 27.70 5.91 0.58
C LEU D 95 27.49 5.84 -0.93
N GLN D 96 28.58 6.01 -1.71
CA GLN D 96 28.59 5.97 -3.17
C GLN D 96 28.05 4.65 -3.71
N GLY D 97 28.37 3.55 -3.04
CA GLY D 97 27.90 2.22 -3.40
C GLY D 97 26.40 2.07 -3.31
N VAL D 98 25.80 2.67 -2.30
CA VAL D 98 24.36 2.65 -2.05
C VAL D 98 23.63 3.49 -3.13
N CYS D 99 24.16 4.70 -3.45
CA CYS D 99 23.59 5.58 -4.46
C CYS D 99 23.63 4.91 -5.83
N ASP D 100 24.76 4.26 -6.18
CA ASP D 100 24.94 3.54 -7.43
C ASP D 100 23.97 2.35 -7.56
N THR D 101 23.64 1.69 -6.43
CA THR D 101 22.69 0.57 -6.35
C THR D 101 21.27 1.06 -6.62
N VAL D 102 20.87 2.17 -5.96
CA VAL D 102 19.56 2.79 -6.13
C VAL D 102 19.39 3.26 -7.57
N LEU D 103 20.40 3.99 -8.10
CA LEU D 103 20.36 4.55 -9.45
C LEU D 103 20.30 3.45 -10.50
N GLY D 104 20.95 2.32 -10.24
CA GLY D 104 20.93 1.14 -11.10
C GLY D 104 19.56 0.52 -11.18
N LEU D 105 18.86 0.41 -10.01
CA LEU D 105 17.48 -0.11 -9.93
C LEU D 105 16.52 0.78 -10.68
N LEU D 106 16.69 2.10 -10.55
CA LEU D 106 15.84 3.08 -11.21
C LEU D 106 15.99 2.99 -12.72
N ASP D 107 17.23 2.93 -13.23
CA ASP D 107 17.49 2.86 -14.68
C ASP D 107 17.15 1.51 -15.31
N SER D 108 17.42 0.41 -14.62
CA SER D 108 17.18 -0.94 -15.12
C SER D 108 15.76 -1.49 -14.92
N HIS D 109 15.00 -1.01 -13.90
CA HIS D 109 13.66 -1.57 -13.62
C HIS D 109 12.52 -0.59 -13.31
N LEU D 110 12.78 0.47 -12.53
CA LEU D 110 11.72 1.35 -12.03
C LEU D 110 11.25 2.39 -13.05
N ILE D 111 12.19 3.14 -13.65
CA ILE D 111 11.94 4.16 -14.65
C ILE D 111 11.74 3.53 -16.05
N LYS D 112 10.62 3.92 -16.68
CA LYS D 112 10.18 3.57 -18.03
C LYS D 112 9.20 4.66 -18.52
N GLU D 113 9.32 5.09 -19.81
CA GLU D 113 8.51 6.18 -20.42
C GLU D 113 6.97 6.01 -20.31
N ALA D 114 6.49 4.78 -19.97
CA ALA D 114 5.08 4.44 -19.79
C ALA D 114 4.74 4.27 -18.28
N GLY D 115 3.46 4.43 -17.93
CA GLY D 115 2.97 4.32 -16.56
C GLY D 115 2.42 5.62 -16.04
N ASP D 116 1.59 5.56 -14.96
CA ASP D 116 0.93 6.72 -14.33
C ASP D 116 1.92 7.83 -13.95
N ALA D 117 1.49 9.09 -14.13
CA ALA D 117 2.25 10.31 -13.86
C ALA D 117 2.91 10.32 -12.50
N GLU D 118 2.16 9.93 -11.45
CA GLU D 118 2.61 9.87 -10.05
C GLU D 118 3.81 8.97 -9.87
N SER D 119 3.75 7.73 -10.39
CA SER D 119 4.85 6.77 -10.26
C SER D 119 6.08 7.27 -11.05
N ARG D 120 5.88 7.83 -12.25
CA ARG D 120 6.96 8.39 -13.08
C ARG D 120 7.71 9.51 -12.32
N VAL D 121 6.96 10.51 -11.79
CA VAL D 121 7.46 11.65 -11.00
C VAL D 121 8.28 11.15 -9.80
N PHE D 122 7.70 10.20 -9.02
CA PHE D 122 8.31 9.59 -7.81
C PHE D 122 9.72 9.07 -8.09
N TYR D 123 9.88 8.28 -9.18
CA TYR D 123 11.14 7.67 -9.60
C TYR D 123 12.16 8.68 -10.13
N LEU D 124 11.72 9.69 -10.94
CA LEU D 124 12.61 10.74 -11.46
C LEU D 124 13.10 11.64 -10.33
N LYS D 125 12.20 11.98 -9.38
CA LYS D 125 12.55 12.74 -8.18
C LYS D 125 13.65 11.95 -7.47
N MET D 126 13.43 10.62 -7.28
CA MET D 126 14.37 9.68 -6.68
C MET D 126 15.73 9.70 -7.41
N LYS D 127 15.72 9.68 -8.76
CA LYS D 127 16.95 9.77 -9.58
C LYS D 127 17.68 11.08 -9.30
N GLY D 128 16.93 12.16 -9.18
CA GLY D 128 17.48 13.46 -8.82
C GLY D 128 18.13 13.46 -7.46
N ASP D 129 17.43 12.89 -6.44
CA ASP D 129 17.87 12.80 -5.04
C ASP D 129 19.20 12.04 -4.85
N TYR D 130 19.32 10.90 -5.49
CA TYR D 130 20.49 10.06 -5.33
C TYR D 130 21.69 10.59 -6.10
N TYR D 131 21.46 11.39 -7.17
CA TYR D 131 22.54 12.08 -7.85
C TYR D 131 22.99 13.27 -6.99
N ARG D 132 22.02 13.93 -6.31
CA ARG D 132 22.29 15.03 -5.39
C ARG D 132 23.14 14.52 -4.22
N TYR D 133 22.88 13.29 -3.73
CA TYR D 133 23.68 12.73 -2.64
C TYR D 133 25.12 12.46 -3.11
N LEU D 134 25.29 12.03 -4.37
CA LEU D 134 26.62 11.80 -4.96
C LEU D 134 27.37 13.11 -5.10
N ALA D 135 26.64 14.19 -5.49
CA ALA D 135 27.14 15.56 -5.67
C ALA D 135 27.60 16.19 -4.35
N GLU D 136 26.96 15.83 -3.21
CA GLU D 136 27.32 16.34 -1.88
C GLU D 136 28.76 15.96 -1.50
N VAL D 137 29.24 14.80 -1.99
CA VAL D 137 30.58 14.25 -1.69
C VAL D 137 31.57 14.36 -2.88
N ALA D 138 31.07 14.68 -4.10
CA ALA D 138 31.87 14.80 -5.32
C ALA D 138 32.73 16.05 -5.37
N THR D 139 33.92 15.95 -6.03
CA THR D 139 34.84 17.07 -6.25
C THR D 139 35.09 17.21 -7.75
N GLY D 140 35.81 18.27 -8.16
CA GLY D 140 36.20 18.59 -9.53
C GLY D 140 35.16 18.40 -10.61
N ASP D 141 35.61 18.08 -11.88
CA ASP D 141 34.77 17.83 -13.07
C ASP D 141 33.69 16.73 -12.81
N ASP D 142 33.99 15.71 -11.95
CA ASP D 142 33.08 14.61 -11.58
C ASP D 142 31.79 15.20 -11.06
N LYS D 143 31.91 16.20 -10.13
CA LYS D 143 30.82 16.94 -9.50
C LYS D 143 29.99 17.53 -10.61
N LYS D 144 30.64 18.31 -11.53
CA LYS D 144 29.98 18.96 -12.67
C LYS D 144 29.01 18.04 -13.40
N ARG D 145 29.45 16.81 -13.81
CA ARG D 145 28.58 15.90 -14.56
C ARG D 145 27.50 15.23 -13.71
N ILE D 146 27.78 14.99 -12.43
CA ILE D 146 26.81 14.44 -11.47
C ILE D 146 25.69 15.50 -11.26
N ILE D 147 26.09 16.78 -11.09
CA ILE D 147 25.19 17.93 -10.94
C ILE D 147 24.25 18.02 -12.12
N ASP D 148 24.76 17.80 -13.36
CA ASP D 148 23.95 17.82 -14.58
C ASP D 148 22.92 16.71 -14.61
N SER D 149 23.34 15.49 -14.22
CA SER D 149 22.50 14.31 -14.16
C SER D 149 21.31 14.51 -13.19
N ALA D 150 21.56 15.22 -12.07
CA ALA D 150 20.54 15.54 -11.08
C ALA D 150 19.55 16.50 -11.69
N ARG D 151 20.07 17.60 -12.32
CA ARG D 151 19.25 18.63 -12.95
C ARG D 151 18.30 18.07 -14.01
N SER D 152 18.79 17.17 -14.88
CA SER D 152 17.97 16.53 -15.94
C SER D 152 16.83 15.71 -15.35
N ALA D 153 17.15 14.92 -14.31
CA ALA D 153 16.19 14.08 -13.60
C ALA D 153 15.14 14.94 -12.90
N TYR D 154 15.60 16.02 -12.21
CA TYR D 154 14.74 16.93 -11.47
C TYR D 154 13.85 17.75 -12.38
N GLN D 155 14.38 18.18 -13.54
CA GLN D 155 13.67 18.98 -14.56
C GLN D 155 12.61 18.17 -15.31
N GLU D 156 12.94 16.92 -15.69
CA GLU D 156 12.02 16.02 -16.38
C GLU D 156 10.79 15.73 -15.51
N ALA D 157 11.02 15.52 -14.20
CA ALA D 157 10.02 15.27 -13.16
C ALA D 157 9.12 16.52 -12.94
N MET D 158 9.73 17.71 -12.99
CA MET D 158 9.05 18.99 -12.84
C MET D 158 8.04 19.18 -13.96
N ASP D 159 8.46 18.91 -15.20
CA ASP D 159 7.60 19.06 -16.37
C ASP D 159 6.35 18.18 -16.28
N ILE D 160 6.52 16.91 -15.86
CA ILE D 160 5.38 16.00 -15.72
C ILE D 160 4.46 16.43 -14.56
N SER D 161 5.03 16.83 -13.40
CA SER D 161 4.22 17.24 -12.26
C SER D 161 3.37 18.49 -12.53
N LYS D 162 3.92 19.47 -13.30
CA LYS D 162 3.17 20.67 -13.59
C LYS D 162 2.02 20.35 -14.56
N LYS D 163 2.30 19.47 -15.53
CA LYS D 163 1.35 19.08 -16.56
C LYS D 163 0.21 18.18 -16.06
N GLU D 164 0.52 17.24 -15.16
CA GLU D 164 -0.44 16.23 -14.71
C GLU D 164 -0.91 16.31 -13.25
N MET D 165 -0.22 17.06 -12.38
CA MET D 165 -0.58 17.12 -10.96
C MET D 165 -1.03 18.50 -10.49
N PRO D 166 -1.97 18.61 -9.51
CA PRO D 166 -2.34 19.94 -8.99
C PRO D 166 -1.23 20.48 -8.05
N PRO D 167 -1.13 21.81 -7.81
CA PRO D 167 -0.03 22.33 -6.97
C PRO D 167 0.00 21.86 -5.51
N THR D 168 -1.09 21.25 -5.01
CA THR D 168 -1.19 20.71 -3.64
C THR D 168 -0.72 19.26 -3.50
N ASN D 169 -0.50 18.56 -4.64
CA ASN D 169 -0.05 17.17 -4.64
C ASN D 169 1.26 17.01 -3.85
N PRO D 170 1.31 16.06 -2.88
CA PRO D 170 2.54 15.90 -2.07
C PRO D 170 3.77 15.47 -2.84
N ILE D 171 3.62 14.64 -3.89
CA ILE D 171 4.74 14.18 -4.72
C ILE D 171 5.34 15.41 -5.44
N ARG D 172 4.46 16.26 -6.02
CA ARG D 172 4.84 17.49 -6.71
C ARG D 172 5.52 18.49 -5.74
N LEU D 173 4.93 18.67 -4.53
CA LEU D 173 5.44 19.55 -3.47
C LEU D 173 6.83 19.12 -3.01
N GLY D 174 7.00 17.81 -2.80
CA GLY D 174 8.25 17.21 -2.36
C GLY D 174 9.36 17.36 -3.37
N LEU D 175 9.02 17.13 -4.65
CA LEU D 175 9.93 17.26 -5.77
C LEU D 175 10.46 18.70 -5.82
N ALA D 176 9.55 19.69 -5.81
CA ALA D 176 9.88 21.10 -5.85
C ALA D 176 10.74 21.53 -4.65
N LEU D 177 10.46 20.97 -3.44
CA LEU D 177 11.25 21.23 -2.24
C LEU D 177 12.70 20.75 -2.45
N ASN D 178 12.87 19.50 -2.91
CA ASN D 178 14.18 18.91 -3.14
C ASN D 178 14.96 19.59 -4.25
N PHE D 179 14.28 20.00 -5.32
CA PHE D 179 14.92 20.70 -6.44
C PHE D 179 15.40 22.10 -6.01
N SER D 180 14.64 22.78 -5.13
CA SER D 180 15.05 24.08 -4.60
C SER D 180 16.27 23.91 -3.67
N VAL D 181 16.34 22.79 -2.92
CA VAL D 181 17.47 22.45 -2.05
C VAL D 181 18.68 22.22 -2.97
N PHE D 182 18.47 21.52 -4.11
CA PHE D 182 19.49 21.31 -5.11
C PHE D 182 20.03 22.65 -5.61
N HIS D 183 19.15 23.60 -5.98
CA HIS D 183 19.56 24.93 -6.44
C HIS D 183 20.43 25.67 -5.41
N TYR D 184 19.98 25.71 -4.14
CA TYR D 184 20.67 26.42 -3.05
C TYR D 184 22.02 25.81 -2.68
N GLU D 185 22.01 24.52 -2.30
CA GLU D 185 23.16 23.77 -1.83
C GLU D 185 24.17 23.32 -2.88
N ILE D 186 23.69 22.74 -3.99
CA ILE D 186 24.52 22.12 -5.02
C ILE D 186 24.87 23.05 -6.16
N ALA D 187 23.85 23.60 -6.82
CA ALA D 187 23.99 24.48 -7.97
C ALA D 187 24.47 25.91 -7.63
N ASN D 188 24.53 26.26 -6.32
CA ASN D 188 24.92 27.58 -5.81
C ASN D 188 24.13 28.72 -6.46
N SER D 189 22.80 28.50 -6.56
CA SER D 189 21.81 29.41 -7.15
C SER D 189 20.77 29.76 -6.06
N PRO D 190 21.14 30.61 -5.06
CA PRO D 190 20.19 30.93 -4.00
C PRO D 190 18.93 31.67 -4.46
N GLU D 191 19.05 32.46 -5.55
CA GLU D 191 17.94 33.21 -6.12
C GLU D 191 16.88 32.28 -6.71
N GLU D 192 17.31 31.29 -7.50
CA GLU D 192 16.42 30.32 -8.12
C GLU D 192 15.74 29.47 -7.05
N ALA D 193 16.51 29.05 -6.02
CA ALA D 193 16.04 28.27 -4.88
C ALA D 193 14.91 29.00 -4.17
N ILE D 194 15.15 30.25 -3.75
CA ILE D 194 14.18 31.12 -3.06
C ILE D 194 12.93 31.27 -3.92
N SER D 195 13.12 31.54 -5.23
CA SER D 195 12.06 31.68 -6.22
C SER D 195 11.17 30.43 -6.30
N LEU D 196 11.79 29.27 -6.59
CA LEU D 196 11.08 27.99 -6.70
C LEU D 196 10.29 27.70 -5.44
N ALA D 197 10.93 27.80 -4.26
CA ALA D 197 10.29 27.56 -2.97
C ALA D 197 9.11 28.52 -2.71
N LYS D 198 9.29 29.85 -3.01
CA LYS D 198 8.25 30.85 -2.84
C LYS D 198 7.03 30.54 -3.74
N THR D 199 7.28 30.29 -5.05
CA THR D 199 6.27 29.95 -6.06
C THR D 199 5.50 28.69 -5.65
N THR D 200 6.21 27.61 -5.28
CA THR D 200 5.66 26.32 -4.87
C THR D 200 4.73 26.45 -3.68
N PHE D 201 5.17 27.19 -2.64
CA PHE D 201 4.40 27.40 -1.42
C PHE D 201 3.14 28.21 -1.71
N ASP D 202 3.30 29.36 -2.41
CA ASP D 202 2.21 30.27 -2.76
C ASP D 202 1.15 29.63 -3.66
N GLU D 203 1.57 28.83 -4.67
CA GLU D 203 0.65 28.11 -5.56
C GLU D 203 -0.17 27.05 -4.83
N ALA D 204 0.46 26.43 -3.82
CA ALA D 204 -0.15 25.44 -2.94
C ALA D 204 -1.10 26.12 -1.92
N MET D 205 -0.83 27.39 -1.55
CA MET D 205 -1.67 28.18 -0.63
C MET D 205 -2.83 28.90 -1.38
N ALA D 206 -2.97 28.66 -2.68
CA ALA D 206 -4.06 29.21 -3.47
C ALA D 206 -5.04 28.11 -3.92
N ASP D 207 -4.54 26.85 -4.02
CA ASP D 207 -5.25 25.63 -4.44
C ASP D 207 -5.54 24.69 -3.23
N LEU D 208 -5.82 25.29 -2.05
CA LEU D 208 -6.12 24.58 -0.80
C LEU D 208 -7.39 23.73 -0.89
N HIS D 209 -8.40 24.18 -1.66
CA HIS D 209 -9.68 23.51 -1.90
C HIS D 209 -9.51 22.07 -2.44
N THR D 210 -8.70 21.89 -3.51
CA THR D 210 -8.43 20.56 -4.08
C THR D 210 -7.39 19.85 -3.20
N LEU D 211 -7.87 19.27 -2.08
CA LEU D 211 -7.07 18.54 -1.11
C LEU D 211 -7.93 17.51 -0.38
N SER D 212 -7.61 16.24 -0.59
CA SER D 212 -8.29 15.11 0.05
C SER D 212 -7.74 14.99 1.47
N GLU D 213 -8.53 14.38 2.37
CA GLU D 213 -8.12 14.19 3.77
C GLU D 213 -6.83 13.39 3.88
N ASP D 214 -6.70 12.32 3.07
CA ASP D 214 -5.55 11.41 3.04
C ASP D 214 -4.22 12.09 2.72
N SER D 215 -4.20 12.96 1.69
CA SER D 215 -2.97 13.67 1.32
C SER D 215 -2.79 14.97 2.11
N TYR D 216 -3.83 15.46 2.82
CA TYR D 216 -3.77 16.73 3.56
C TYR D 216 -2.56 16.83 4.50
N LYS D 217 -2.44 15.91 5.45
CA LYS D 217 -1.33 15.83 6.40
C LYS D 217 0.05 15.83 5.69
N ASP D 218 0.14 15.12 4.55
CA ASP D 218 1.35 15.01 3.74
C ASP D 218 1.68 16.35 3.10
N SER D 219 0.69 17.08 2.58
CA SER D 219 0.87 18.38 1.92
C SER D 219 1.35 19.47 2.88
N THR D 220 0.66 19.63 4.05
CA THR D 220 0.99 20.63 5.10
C THR D 220 2.39 20.43 5.64
N LEU D 221 2.81 19.15 5.74
CA LEU D 221 4.14 18.78 6.23
C LEU D 221 5.22 19.36 5.33
N ILE D 222 5.11 19.16 4.01
CA ILE D 222 6.07 19.64 3.01
C ILE D 222 6.05 21.16 2.96
N MET D 223 4.85 21.74 3.08
CA MET D 223 4.63 23.19 3.07
C MET D 223 5.32 23.89 4.22
N GLN D 224 5.35 23.24 5.39
CA GLN D 224 6.06 23.78 6.54
C GLN D 224 7.59 23.72 6.28
N LEU D 225 8.07 22.66 5.59
CA LEU D 225 9.50 22.52 5.20
C LEU D 225 9.89 23.61 4.22
N LEU D 226 8.99 23.90 3.25
CA LEU D 226 9.18 24.95 2.25
C LEU D 226 9.24 26.31 2.93
N ARG D 227 8.35 26.55 3.93
CA ARG D 227 8.25 27.79 4.72
C ARG D 227 9.50 27.98 5.56
N ASP D 228 9.97 26.91 6.24
CA ASP D 228 11.16 26.92 7.07
C ASP D 228 12.41 27.21 6.25
N ASN D 229 12.52 26.63 5.05
CA ASN D 229 13.66 26.87 4.16
C ASN D 229 13.70 28.32 3.75
N LEU D 230 12.54 28.87 3.38
CA LEU D 230 12.41 30.27 2.98
C LEU D 230 12.85 31.24 4.09
N THR D 231 12.45 30.95 5.36
CA THR D 231 12.81 31.73 6.55
C THR D 231 14.34 31.74 6.74
N LEU D 232 14.96 30.56 6.58
CA LEU D 232 16.39 30.33 6.71
C LEU D 232 17.19 31.00 5.57
N TRP D 233 16.71 30.84 4.33
CA TRP D 233 17.38 31.35 3.12
C TRP D 233 17.27 32.85 2.92
N THR D 234 16.11 33.45 3.26
CA THR D 234 15.89 34.89 3.12
C THR D 234 16.24 35.66 4.39
N GLY D 235 16.27 34.94 5.53
CA GLY D 235 16.56 35.52 6.83
C GLY D 235 15.38 36.36 7.32
N SER D 236 14.24 35.69 7.54
CA SER D 236 13.00 36.32 8.01
C SER D 236 12.40 35.59 9.21
N LEU E 5 7.04 -0.87 32.15
CA LEU E 5 6.87 -1.79 31.04
C LEU E 5 7.91 -2.93 31.15
N ARG E 6 9.12 -2.70 30.61
CA ARG E 6 10.24 -3.64 30.64
C ARG E 6 11.29 -3.12 31.62
N ARG E 7 12.16 -4.01 32.08
CA ARG E 7 13.27 -3.77 32.98
C ARG E 7 14.42 -3.01 32.26
N GLY E 8 15.50 -2.79 33.00
CA GLY E 8 16.71 -2.16 32.50
C GLY E 8 17.96 -2.81 33.08
N SEP E 9 19.04 -2.86 32.29
CA SEP E 9 20.34 -3.38 32.72
CB SEP E 9 20.88 -4.42 31.74
OG SEP E 9 20.61 -4.08 30.39
C SEP E 9 21.24 -2.17 33.07
O SEP E 9 20.69 -1.09 33.27
P SEP E 9 21.05 -5.19 29.47
O1P SEP E 9 22.47 -5.66 29.80
O2P SEP E 9 20.15 -6.39 29.56
O3P SEP E 9 20.83 -4.49 28.17
N THR E 10 22.59 -2.33 33.17
CA THR E 10 23.57 -1.28 33.56
C THR E 10 23.27 0.07 32.87
N CYS E 11 22.68 0.03 31.66
CA CYS E 11 22.17 1.18 30.90
C CYS E 11 20.98 0.67 30.05
N VAL E 12 20.81 1.13 28.80
CA VAL E 12 19.75 0.64 27.92
C VAL E 12 20.10 -0.81 27.42
N LEU E 13 21.34 -1.09 26.89
CA LEU E 13 22.49 -0.20 26.66
C LEU E 13 22.68 0.15 25.16
N ALA E 14 21.97 1.22 24.73
CA ALA E 14 21.89 1.83 23.40
C ALA E 14 22.07 0.86 22.22
N SER F 4 15.25 24.54 13.04
CA SER F 4 16.50 23.82 12.75
C SER F 4 17.58 24.76 12.19
N LEU F 5 18.85 24.37 12.39
CA LEU F 5 20.02 25.12 11.90
C LEU F 5 20.31 24.76 10.43
N ARG F 6 20.18 23.46 10.10
CA ARG F 6 20.36 22.91 8.74
C ARG F 6 19.00 22.78 8.05
N ARG F 7 18.94 23.15 6.76
CA ARG F 7 17.76 23.12 5.88
C ARG F 7 17.00 21.77 5.91
N GLY F 8 15.74 21.80 5.54
CA GLY F 8 14.90 20.62 5.47
C GLY F 8 14.75 20.02 4.08
N SEP F 9 14.67 18.69 4.01
CA SEP F 9 14.52 17.93 2.77
CB SEP F 9 15.66 16.97 2.97
OG SEP F 9 16.08 16.49 1.71
C SEP F 9 13.26 17.08 2.85
O SEP F 9 12.71 16.95 3.94
P SEP F 9 17.27 15.54 1.82
O1P SEP F 9 18.52 16.32 2.06
O2P SEP F 9 17.23 14.56 2.92
O3P SEP F 9 17.28 14.80 0.52
N THR F 10 12.80 16.51 1.71
CA THR F 10 11.57 15.70 1.69
C THR F 10 11.73 14.47 2.57
N CYS F 11 10.98 14.49 3.68
CA CYS F 11 10.92 13.43 4.68
C CYS F 11 9.44 13.32 5.09
N VAL F 12 8.67 12.50 4.34
CA VAL F 12 7.23 12.30 4.61
C VAL F 12 6.88 10.81 4.66
N LEU F 13 5.87 10.46 5.48
CA LEU F 13 5.37 9.09 5.68
C LEU F 13 3.85 9.05 5.65
N ALA F 14 3.30 8.12 4.83
CA ALA F 14 1.86 7.89 4.67
C ALA F 14 1.47 6.52 5.24
N LEU G 5 -37.60 4.69 -24.79
CA LEU G 5 -38.05 6.08 -24.92
C LEU G 5 -36.88 7.07 -25.06
N ARG G 6 -35.63 6.59 -24.84
CA ARG G 6 -34.42 7.41 -25.02
C ARG G 6 -33.80 7.09 -26.37
N ARG G 7 -33.35 8.16 -27.09
CA ARG G 7 -32.79 8.09 -28.45
C ARG G 7 -31.64 7.07 -28.56
N GLY G 8 -31.76 6.21 -29.54
CA GLY G 8 -30.75 5.20 -29.78
C GLY G 8 -29.61 5.71 -30.65
N SEP G 9 -28.40 5.46 -30.21
CA SEP G 9 -27.18 5.71 -30.95
CB SEP G 9 -26.31 6.70 -30.16
OG SEP G 9 -25.75 6.00 -29.07
C SEP G 9 -26.61 4.29 -31.10
O SEP G 9 -27.32 3.33 -30.77
P SEP G 9 -24.68 6.75 -28.21
O1P SEP G 9 -25.26 8.05 -27.59
O2P SEP G 9 -23.37 6.83 -29.00
O3P SEP G 9 -24.33 5.95 -26.88
N THR G 10 -25.36 4.14 -31.54
CA THR G 10 -24.63 2.88 -31.69
C THR G 10 -24.88 1.82 -30.59
N CYS G 11 -25.00 0.52 -31.02
CA CYS G 11 -25.26 -0.68 -30.19
C CYS G 11 -26.71 -0.70 -29.69
N GLY H 3 -31.38 -31.88 -10.99
CA GLY H 3 -31.54 -30.47 -11.32
C GLY H 3 -30.26 -29.66 -11.13
N SER H 4 -29.66 -29.18 -12.25
CA SER H 4 -28.40 -28.43 -12.25
C SER H 4 -28.57 -26.92 -12.52
N LEU H 5 -28.28 -26.11 -11.49
CA LEU H 5 -28.30 -24.64 -11.43
C LEU H 5 -27.14 -24.25 -10.48
N ARG H 6 -27.00 -22.96 -10.08
CA ARG H 6 -25.97 -22.56 -9.12
C ARG H 6 -26.61 -22.38 -7.76
N ARG H 7 -25.85 -22.70 -6.69
CA ARG H 7 -26.31 -22.53 -5.30
C ARG H 7 -26.57 -21.03 -5.00
N GLY H 8 -27.18 -20.75 -3.87
CA GLY H 8 -27.47 -19.38 -3.51
C GLY H 8 -27.08 -18.98 -2.10
N SEP H 9 -26.29 -17.89 -2.00
CA SEP H 9 -25.91 -17.20 -0.77
CB SEP H 9 -24.46 -16.89 -0.65
OG SEP H 9 -24.13 -16.16 -1.78
C SEP H 9 -26.85 -15.99 -0.61
O SEP H 9 -27.80 -15.87 -1.37
P SEP H 9 -22.70 -15.51 -1.74
O1P SEP H 9 -22.36 -14.73 -0.44
O2P SEP H 9 -22.69 -14.33 -2.71
O3P SEP H 9 -21.67 -16.59 -2.16
N THR H 10 -26.60 -15.11 0.34
CA THR H 10 -27.44 -13.93 0.61
C THR H 10 -27.63 -13.07 -0.66
N CYS H 11 -28.83 -12.42 -0.78
CA CYS H 11 -29.35 -11.50 -1.84
C CYS H 11 -30.55 -12.10 -2.55
#